data_1FWY
#
_entry.id   1FWY
#
_cell.length_a   140.780
_cell.length_b   140.780
_cell.length_c   244.630
_cell.angle_alpha   90.00
_cell.angle_beta   90.00
_cell.angle_gamma   120.00
#
_symmetry.space_group_name_H-M   'H 3 2'
#
loop_
_entity.id
_entity.type
_entity.pdbx_description
1 polymer 'UDP-N-ACETYLGLUCOSAMINE PYROPHOSPHORYLASE'
2 non-polymer 'SULFATE ION'
3 non-polymer URIDINE-DIPHOSPHATE-N-ACETYLGLUCOSAMINE
4 non-polymer 1,2-ETHANEDIOL
5 water water
#
_entity_poly.entity_id   1
_entity_poly.type   'polypeptide(L)'
_entity_poly.pdbx_seq_one_letter_code
;MLNNAMSVVILAAGKGTRMYSDLPKVLHTLAGKAMVQHVIDAANELGAAHVHLVYGHGGDLLKQALKDDNLNWVLQAEQL
GTGHAMQQAAPFFADDEDILMLYGDVPLISVETLQRLRDAKPQGGIGLLTVKLDDPTGYGRITRENGKVTGIVEHKDATD
EQRQIQEINTGILIANGADMKRWLAKLTNNNAQGEYYITDIIALAYQEGREIVAVHPQRLSEVEGVNNRLQLSRLERVYQ
SEQAEKLLLAGVMLRDPARFDLRGTLTHGRDVEIDTNVIIEGNVTLGHRVKIGTGCVIKNSVIGDDCEISPYTVVEDANL
AAACTIGPFAR
;
_entity_poly.pdbx_strand_id   A,B
#
loop_
_chem_comp.id
_chem_comp.type
_chem_comp.name
_chem_comp.formula
EDO non-polymer 1,2-ETHANEDIOL 'C2 H6 O2'
SO4 non-polymer 'SULFATE ION' 'O4 S -2'
UD1 non-polymer URIDINE-DIPHOSPHATE-N-ACETYLGLUCOSAMINE 'C17 H27 N3 O17 P2'
#
# COMPACT_ATOMS: atom_id res chain seq x y z
N ASN A 3 -14.76 -2.92 42.46
CA ASN A 3 -15.07 -1.87 41.44
C ASN A 3 -16.59 -1.72 41.19
N ASN A 4 -17.25 -0.93 42.04
CA ASN A 4 -18.69 -0.67 41.93
C ASN A 4 -18.98 -0.10 40.54
N ALA A 5 -20.12 -0.45 39.95
CA ALA A 5 -20.50 0.06 38.63
C ALA A 5 -20.34 1.56 38.62
N MET A 6 -20.10 2.14 37.46
CA MET A 6 -19.93 3.57 37.43
C MET A 6 -20.23 4.19 36.09
N SER A 7 -20.79 5.39 36.14
CA SER A 7 -21.08 6.17 34.96
C SER A 7 -20.30 7.47 35.00
N VAL A 8 -20.24 8.17 33.88
CA VAL A 8 -19.53 9.43 33.85
C VAL A 8 -20.35 10.55 33.22
N VAL A 9 -20.22 11.74 33.80
CA VAL A 9 -20.89 12.94 33.32
C VAL A 9 -19.81 13.90 32.82
N ILE A 10 -19.92 14.35 31.59
CA ILE A 10 -18.96 15.27 31.05
C ILE A 10 -19.66 16.60 30.84
N LEU A 11 -19.18 17.64 31.51
CA LEU A 11 -19.75 18.98 31.39
C LEU A 11 -19.03 19.70 30.25
N ALA A 12 -19.74 19.89 29.14
CA ALA A 12 -19.17 20.52 27.97
C ALA A 12 -20.13 21.59 27.45
N ALA A 13 -20.81 22.24 28.37
CA ALA A 13 -21.83 23.22 28.01
C ALA A 13 -21.40 24.69 28.00
N GLY A 14 -20.21 25.00 28.50
CA GLY A 14 -19.73 26.37 28.49
C GLY A 14 -19.58 26.93 27.07
N LYS A 15 -19.59 28.26 26.95
CA LYS A 15 -19.49 28.94 25.65
C LYS A 15 -18.28 28.64 24.72
N GLY A 16 -17.09 29.01 25.17
CA GLY A 16 -15.93 28.80 24.32
C GLY A 16 -15.64 30.04 23.47
N THR A 17 -16.03 31.21 23.98
CA THR A 17 -15.85 32.49 23.31
C THR A 17 -14.45 32.88 22.78
N ARG A 18 -13.42 32.66 23.61
CA ARG A 18 -12.05 32.98 23.25
C ARG A 18 -11.39 32.09 22.17
N MET A 19 -12.18 31.21 21.54
CA MET A 19 -11.66 30.33 20.48
C MET A 19 -11.90 30.99 19.13
N TYR A 20 -12.84 31.94 19.09
CA TYR A 20 -13.17 32.66 17.87
C TYR A 20 -13.35 31.69 16.73
N SER A 21 -14.27 30.75 16.93
CA SER A 21 -14.50 29.72 15.95
C SER A 21 -15.98 29.38 15.80
N ASP A 22 -16.36 28.89 14.62
CA ASP A 22 -17.73 28.50 14.37
C ASP A 22 -17.87 27.02 14.70
N LEU A 23 -16.80 26.48 15.28
CA LEU A 23 -16.79 25.08 15.69
C LEU A 23 -16.84 25.06 17.20
N PRO A 24 -17.78 24.30 17.78
CA PRO A 24 -17.91 24.20 19.24
C PRO A 24 -16.52 23.88 19.82
N LYS A 25 -16.10 24.64 20.83
CA LYS A 25 -14.80 24.43 21.45
C LYS A 25 -14.37 22.97 21.74
N VAL A 26 -15.22 22.21 22.40
CA VAL A 26 -14.84 20.84 22.74
C VAL A 26 -14.69 19.91 21.56
N LEU A 27 -14.96 20.42 20.36
CA LEU A 27 -14.80 19.61 19.18
C LEU A 27 -13.44 19.86 18.52
N HIS A 28 -12.74 20.94 18.92
CA HIS A 28 -11.43 21.22 18.36
C HIS A 28 -10.50 20.06 18.75
N THR A 29 -9.69 19.63 17.78
CA THR A 29 -8.81 18.50 18.00
C THR A 29 -7.48 18.70 18.73
N LEU A 30 -7.11 17.67 19.46
CA LEU A 30 -5.85 17.54 20.20
C LEU A 30 -5.38 16.22 19.57
N ALA A 31 -4.37 16.29 18.72
CA ALA A 31 -3.86 15.12 18.04
C ALA A 31 -4.89 14.43 17.13
N GLY A 32 -5.64 15.21 16.37
CA GLY A 32 -6.62 14.63 15.47
C GLY A 32 -7.89 14.04 16.10
N LYS A 33 -8.05 14.26 17.40
CA LYS A 33 -9.21 13.78 18.14
C LYS A 33 -9.84 14.95 18.90
N ALA A 34 -11.14 15.17 18.75
CA ALA A 34 -11.78 16.29 19.46
C ALA A 34 -11.49 16.17 20.95
N MET A 35 -11.25 17.31 21.60
CA MET A 35 -11.00 17.29 23.03
C MET A 35 -11.99 16.41 23.79
N VAL A 36 -13.27 16.60 23.54
CA VAL A 36 -14.25 15.83 24.27
C VAL A 36 -14.16 14.32 23.99
N GLN A 37 -13.78 13.93 22.77
CA GLN A 37 -13.60 12.51 22.46
C GLN A 37 -12.51 11.91 23.39
N HIS A 38 -11.48 12.70 23.68
CA HIS A 38 -10.43 12.26 24.57
C HIS A 38 -11.03 11.90 25.92
N VAL A 39 -11.90 12.79 26.41
CA VAL A 39 -12.55 12.61 27.70
C VAL A 39 -13.47 11.39 27.66
N ILE A 40 -14.22 11.29 26.57
CA ILE A 40 -15.13 10.18 26.36
C ILE A 40 -14.35 8.86 26.29
N ASP A 41 -13.22 8.86 25.58
CA ASP A 41 -12.41 7.64 25.47
C ASP A 41 -11.90 7.25 26.84
N ALA A 42 -11.43 8.23 27.60
CA ALA A 42 -10.95 8.01 28.95
C ALA A 42 -12.09 7.43 29.81
N ALA A 43 -13.29 8.01 29.72
CA ALA A 43 -14.43 7.51 30.49
C ALA A 43 -14.73 6.03 30.17
N ASN A 44 -14.76 5.70 28.88
CA ASN A 44 -15.01 4.34 28.46
C ASN A 44 -13.96 3.29 28.85
N GLU A 45 -12.68 3.66 28.75
CA GLU A 45 -11.60 2.75 29.07
C GLU A 45 -11.62 2.53 30.57
N LEU A 46 -12.12 3.52 31.31
CA LEU A 46 -12.23 3.44 32.77
C LEU A 46 -13.35 2.50 33.17
N GLY A 47 -14.23 2.18 32.21
CA GLY A 47 -15.34 1.29 32.48
C GLY A 47 -16.71 1.90 32.68
N ALA A 48 -16.87 3.16 32.27
CA ALA A 48 -18.13 3.85 32.42
C ALA A 48 -19.26 3.09 31.70
N ALA A 49 -20.32 2.79 32.43
CA ALA A 49 -21.46 2.07 31.87
C ALA A 49 -22.27 3.01 30.99
N HIS A 50 -22.31 4.28 31.38
CA HIS A 50 -23.02 5.30 30.62
C HIS A 50 -22.18 6.57 30.59
N VAL A 51 -22.32 7.34 29.53
CA VAL A 51 -21.59 8.58 29.46
C VAL A 51 -22.62 9.63 29.11
N HIS A 52 -22.82 10.53 30.07
CA HIS A 52 -23.75 11.63 29.93
C HIS A 52 -22.99 12.83 29.46
N LEU A 53 -23.33 13.35 28.29
CA LEU A 53 -22.65 14.56 27.84
C LEU A 53 -23.59 15.75 28.00
N VAL A 54 -23.22 16.67 28.89
CA VAL A 54 -24.03 17.86 29.14
C VAL A 54 -23.58 18.98 28.20
N TYR A 55 -24.49 19.38 27.31
CA TYR A 55 -24.22 20.42 26.33
C TYR A 55 -25.20 21.61 26.38
N GLY A 56 -24.76 22.77 25.88
CA GLY A 56 -25.58 23.96 25.82
C GLY A 56 -26.15 23.96 24.40
N HIS A 57 -25.52 24.65 23.46
CA HIS A 57 -26.03 24.59 22.09
C HIS A 57 -24.99 24.07 21.08
N GLY A 58 -25.47 23.72 19.89
CA GLY A 58 -24.60 23.18 18.88
C GLY A 58 -24.82 21.68 19.00
N GLY A 59 -25.87 21.33 19.76
CA GLY A 59 -26.20 19.93 19.96
C GLY A 59 -26.13 19.21 18.64
N ASP A 60 -26.46 19.93 17.57
CA ASP A 60 -26.45 19.35 16.24
C ASP A 60 -25.03 19.11 15.74
N LEU A 61 -24.16 20.11 15.84
CA LEU A 61 -22.79 19.94 15.39
C LEU A 61 -22.20 18.82 16.26
N LEU A 62 -22.37 18.94 17.57
CA LEU A 62 -21.88 17.98 18.56
C LEU A 62 -22.43 16.58 18.34
N LYS A 63 -23.74 16.45 18.16
CA LYS A 63 -24.36 15.14 17.95
C LYS A 63 -23.95 14.49 16.65
N GLN A 64 -23.68 15.33 15.64
CA GLN A 64 -23.25 14.84 14.35
C GLN A 64 -21.83 14.32 14.50
N ALA A 65 -20.95 15.17 15.02
CA ALA A 65 -19.56 14.82 15.22
C ALA A 65 -19.38 13.56 16.09
N LEU A 66 -20.10 13.48 17.20
CA LEU A 66 -19.96 12.37 18.12
C LEU A 66 -20.98 11.24 17.91
N LYS A 67 -21.55 11.18 16.71
CA LYS A 67 -22.56 10.17 16.38
C LYS A 67 -22.17 8.71 16.58
N ASP A 68 -20.87 8.42 16.52
CA ASP A 68 -20.43 7.03 16.70
C ASP A 68 -20.21 6.64 18.16
N ASP A 69 -20.67 7.47 19.08
CA ASP A 69 -20.54 7.18 20.50
C ASP A 69 -21.91 6.98 21.14
N ASN A 70 -21.97 6.07 22.10
CA ASN A 70 -23.23 5.81 22.80
C ASN A 70 -23.27 6.78 24.00
N LEU A 71 -23.63 8.01 23.71
CA LEU A 71 -23.69 9.05 24.71
C LEU A 71 -25.12 9.32 25.05
N ASN A 72 -25.35 9.72 26.30
CA ASN A 72 -26.70 10.11 26.67
C ASN A 72 -26.69 11.61 26.68
N TRP A 73 -27.34 12.22 25.72
CA TRP A 73 -27.36 13.67 25.63
C TRP A 73 -28.21 14.36 26.68
N VAL A 74 -27.58 15.27 27.41
CA VAL A 74 -28.23 16.04 28.48
C VAL A 74 -28.08 17.53 28.20
N LEU A 75 -29.18 18.17 27.82
CA LEU A 75 -29.17 19.58 27.49
C LEU A 75 -29.17 20.48 28.72
N GLN A 76 -28.22 21.42 28.77
CA GLN A 76 -28.22 22.38 29.87
C GLN A 76 -28.67 23.66 29.15
N ALA A 77 -29.97 23.94 29.27
CA ALA A 77 -30.64 25.10 28.63
C ALA A 77 -29.88 26.42 28.77
N GLU A 78 -29.59 26.80 29.99
CA GLU A 78 -28.83 28.03 30.27
C GLU A 78 -27.60 27.60 31.10
N GLN A 79 -26.49 28.35 31.01
CA GLN A 79 -25.28 27.99 31.74
C GLN A 79 -25.26 28.60 33.13
N LEU A 80 -25.93 27.93 34.06
CA LEU A 80 -26.05 28.42 35.41
C LEU A 80 -25.14 27.68 36.41
N GLY A 81 -23.90 27.40 36.01
CA GLY A 81 -22.96 26.74 36.91
C GLY A 81 -22.87 25.24 36.81
N THR A 82 -21.72 24.72 37.22
CA THR A 82 -21.47 23.28 37.19
C THR A 82 -22.54 22.44 37.95
N GLY A 83 -23.01 22.96 39.09
CA GLY A 83 -24.01 22.26 39.87
C GLY A 83 -25.33 22.14 39.11
N HIS A 84 -25.68 23.23 38.42
CA HIS A 84 -26.89 23.28 37.59
C HIS A 84 -26.74 22.30 36.45
N ALA A 85 -25.57 22.32 35.79
CA ALA A 85 -25.32 21.39 34.70
C ALA A 85 -25.45 19.97 35.26
N MET A 86 -24.95 19.74 36.47
CA MET A 86 -25.05 18.40 37.06
C MET A 86 -26.51 18.03 37.38
N GLN A 87 -27.27 19.01 37.87
CA GLN A 87 -28.68 18.77 38.17
C GLN A 87 -29.45 18.25 36.95
N GLN A 88 -29.09 18.71 35.75
CA GLN A 88 -29.80 18.26 34.56
C GLN A 88 -29.51 16.80 34.30
N ALA A 89 -28.29 16.37 34.61
CA ALA A 89 -27.88 15.00 34.40
C ALA A 89 -28.36 14.05 35.50
N ALA A 90 -28.52 14.56 36.73
CA ALA A 90 -28.94 13.76 37.89
C ALA A 90 -30.01 12.69 37.66
N PRO A 91 -31.19 13.07 37.10
CA PRO A 91 -32.27 12.11 36.85
C PRO A 91 -31.80 10.80 36.19
N PHE A 92 -30.62 10.87 35.57
CA PHE A 92 -30.04 9.73 34.87
C PHE A 92 -29.03 8.90 35.66
N PHE A 93 -28.59 9.39 36.80
CA PHE A 93 -27.64 8.64 37.61
C PHE A 93 -28.41 7.49 38.27
N ALA A 94 -27.78 6.33 38.39
CA ALA A 94 -28.42 5.20 39.03
C ALA A 94 -27.95 5.22 40.47
N ASP A 95 -28.86 4.98 41.41
CA ASP A 95 -28.48 4.97 42.82
C ASP A 95 -27.46 3.88 43.14
N ASP A 96 -27.37 2.87 42.26
CA ASP A 96 -26.46 1.74 42.46
C ASP A 96 -25.06 1.89 41.85
N GLU A 97 -24.75 3.08 41.34
CA GLU A 97 -23.45 3.32 40.70
C GLU A 97 -22.75 4.57 41.18
N ASP A 98 -21.46 4.63 40.90
CA ASP A 98 -20.69 5.82 41.25
C ASP A 98 -20.87 6.74 40.06
N ILE A 99 -20.89 8.04 40.31
CA ILE A 99 -20.98 9.03 39.24
C ILE A 99 -19.67 9.82 39.25
N LEU A 100 -18.85 9.67 38.21
CA LEU A 100 -17.60 10.44 38.10
C LEU A 100 -17.87 11.63 37.18
N MET A 101 -17.44 12.82 37.58
CA MET A 101 -17.68 14.01 36.77
C MET A 101 -16.39 14.54 36.15
N LEU A 102 -16.45 14.84 34.85
CA LEU A 102 -15.30 15.35 34.09
C LEU A 102 -15.71 16.53 33.23
N TYR A 103 -14.72 17.27 32.76
CA TYR A 103 -14.97 18.42 31.92
C TYR A 103 -14.68 18.03 30.47
N GLY A 104 -15.47 18.54 29.54
CA GLY A 104 -15.22 18.21 28.15
C GLY A 104 -14.04 19.00 27.54
N ASP A 105 -13.50 19.97 28.27
CA ASP A 105 -12.36 20.78 27.79
C ASP A 105 -11.03 20.60 28.58
N VAL A 106 -10.88 19.42 29.21
CA VAL A 106 -9.68 19.00 29.97
C VAL A 106 -9.38 17.66 29.31
N PRO A 107 -8.81 17.72 28.11
CA PRO A 107 -8.47 16.55 27.31
C PRO A 107 -7.44 15.54 27.77
N LEU A 108 -6.49 15.91 28.63
CA LEU A 108 -5.45 14.94 29.01
C LEU A 108 -5.63 14.17 30.31
N ILE A 109 -6.83 14.19 30.90
CA ILE A 109 -7.05 13.46 32.15
C ILE A 109 -6.75 11.99 31.84
N SER A 110 -5.94 11.32 32.66
CA SER A 110 -5.59 9.93 32.37
C SER A 110 -6.44 8.92 33.10
N VAL A 111 -6.62 7.76 32.47
CA VAL A 111 -7.41 6.72 33.09
C VAL A 111 -6.74 6.26 34.39
N GLU A 112 -5.40 6.35 34.47
CA GLU A 112 -4.63 5.95 35.67
C GLU A 112 -5.01 6.79 36.86
N THR A 113 -5.04 8.11 36.63
CA THR A 113 -5.40 9.05 37.68
C THR A 113 -6.87 8.89 38.06
N LEU A 114 -7.74 8.69 37.09
CA LEU A 114 -9.15 8.51 37.40
C LEU A 114 -9.36 7.24 38.20
N GLN A 115 -8.62 6.18 37.86
CA GLN A 115 -8.75 4.92 38.59
C GLN A 115 -8.27 5.12 40.02
N ARG A 116 -7.20 5.88 40.22
CA ARG A 116 -6.75 6.12 41.59
C ARG A 116 -7.81 6.93 42.35
N LEU A 117 -8.55 7.78 41.64
CA LEU A 117 -9.61 8.59 42.25
C LEU A 117 -10.72 7.65 42.70
N ARG A 118 -11.12 6.74 41.83
CA ARG A 118 -12.16 5.78 42.17
C ARG A 118 -11.78 5.01 43.44
N ASP A 119 -10.53 4.55 43.49
CA ASP A 119 -10.00 3.79 44.62
C ASP A 119 -9.95 4.58 45.93
N ALA A 120 -9.82 5.89 45.83
CA ALA A 120 -9.74 6.72 47.03
C ALA A 120 -11.09 7.20 47.54
N LYS A 121 -12.14 7.01 46.74
CA LYS A 121 -13.47 7.44 47.14
C LYS A 121 -14.01 6.57 48.26
N PRO A 122 -14.10 7.11 49.49
CA PRO A 122 -14.62 6.31 50.60
C PRO A 122 -16.08 5.91 50.33
N GLN A 123 -16.67 5.04 51.15
CA GLN A 123 -18.07 4.68 50.92
C GLN A 123 -18.98 5.80 51.41
N GLY A 124 -20.00 6.14 50.61
CA GLY A 124 -20.90 7.22 50.97
C GLY A 124 -20.18 8.55 50.87
N GLY A 125 -18.90 8.49 50.57
CA GLY A 125 -18.09 9.69 50.48
C GLY A 125 -17.81 10.17 49.07
N ILE A 126 -16.95 11.19 49.01
CA ILE A 126 -16.56 11.80 47.76
C ILE A 126 -15.07 11.68 47.49
N GLY A 127 -14.73 11.23 46.29
CA GLY A 127 -13.36 11.18 45.86
C GLY A 127 -13.16 12.46 45.07
N LEU A 128 -12.24 13.31 45.53
CA LEU A 128 -11.97 14.59 44.88
C LEU A 128 -10.53 14.71 44.34
N LEU A 129 -10.38 15.26 43.13
CA LEU A 129 -9.07 15.46 42.52
C LEU A 129 -8.61 16.92 42.72
N THR A 130 -7.55 17.11 43.50
CA THR A 130 -7.03 18.45 43.81
C THR A 130 -5.53 18.61 43.51
N VAL A 131 -5.10 19.85 43.28
CA VAL A 131 -3.69 20.13 43.00
C VAL A 131 -3.27 21.40 43.72
N LYS A 132 -2.06 21.38 44.25
CA LYS A 132 -1.51 22.54 44.95
C LYS A 132 -0.81 23.39 43.93
N LEU A 133 -1.30 24.61 43.72
CA LEU A 133 -0.66 25.50 42.74
C LEU A 133 0.15 26.58 43.46
N ASP A 134 1.06 27.21 42.73
CA ASP A 134 1.88 28.27 43.29
C ASP A 134 0.95 29.47 43.41
N ASP A 135 0.20 29.74 42.35
CA ASP A 135 -0.79 30.82 42.37
C ASP A 135 -2.11 30.11 42.14
N PRO A 136 -2.96 30.07 43.17
CA PRO A 136 -4.27 29.39 43.09
C PRO A 136 -5.39 30.32 42.63
N THR A 137 -5.05 31.55 42.26
CA THR A 137 -6.05 32.52 41.84
C THR A 137 -7.06 32.03 40.81
N GLY A 138 -8.34 32.32 41.07
CA GLY A 138 -9.42 31.94 40.19
C GLY A 138 -10.01 30.56 40.39
N TYR A 139 -9.34 29.72 41.18
CA TYR A 139 -9.79 28.35 41.42
C TYR A 139 -10.37 28.05 42.80
N GLY A 140 -11.27 27.09 42.84
CA GLY A 140 -11.89 26.71 44.08
C GLY A 140 -10.85 26.29 45.09
N ARG A 141 -10.94 26.84 46.30
CA ARG A 141 -10.00 26.52 47.35
C ARG A 141 -10.49 25.35 48.19
N ILE A 142 -9.58 24.42 48.48
CA ILE A 142 -9.95 23.29 49.29
C ILE A 142 -9.82 23.64 50.77
N THR A 143 -10.92 23.50 51.52
CA THR A 143 -10.89 23.79 52.97
C THR A 143 -10.76 22.52 53.75
N ARG A 144 -9.89 22.55 54.76
CA ARG A 144 -9.66 21.38 55.61
C ARG A 144 -9.76 21.73 57.08
N GLU A 145 -10.03 20.72 57.89
CA GLU A 145 -10.14 20.85 59.34
C GLU A 145 -9.52 19.63 59.95
N ASN A 146 -8.34 19.84 60.52
CA ASN A 146 -7.56 18.78 61.13
C ASN A 146 -7.16 17.77 60.05
N GLY A 147 -6.74 18.33 58.92
CA GLY A 147 -6.30 17.53 57.79
C GLY A 147 -7.39 16.96 56.89
N LYS A 148 -8.64 17.15 57.26
CA LYS A 148 -9.76 16.62 56.48
C LYS A 148 -10.52 17.64 55.64
N VAL A 149 -10.77 17.22 54.39
CA VAL A 149 -11.51 18.06 53.46
C VAL A 149 -12.91 18.31 54.05
N THR A 150 -13.31 19.59 54.10
CA THR A 150 -14.60 19.99 54.67
C THR A 150 -15.47 20.68 53.65
N GLY A 151 -14.85 21.21 52.61
CA GLY A 151 -15.59 21.88 51.57
C GLY A 151 -14.69 22.50 50.51
N ILE A 152 -15.30 23.26 49.61
CA ILE A 152 -14.58 23.96 48.56
C ILE A 152 -15.18 25.35 48.54
N VAL A 153 -14.33 26.36 48.53
CA VAL A 153 -14.82 27.72 48.48
C VAL A 153 -14.29 28.32 47.18
N GLU A 154 -15.20 28.80 46.33
CA GLU A 154 -14.84 29.43 45.04
C GLU A 154 -14.01 30.69 45.26
N HIS A 155 -13.03 30.94 44.41
CA HIS A 155 -12.19 32.13 44.59
C HIS A 155 -13.02 33.35 44.88
N LYS A 156 -13.94 33.68 43.99
CA LYS A 156 -14.76 34.85 44.21
C LYS A 156 -15.51 34.84 45.55
N ASP A 157 -15.84 33.66 46.08
CA ASP A 157 -16.52 33.58 47.38
C ASP A 157 -15.55 33.52 48.58
N ALA A 158 -14.28 33.23 48.34
CA ALA A 158 -13.30 33.16 49.41
C ALA A 158 -12.90 34.52 49.99
N THR A 159 -12.39 34.52 51.22
CA THR A 159 -11.94 35.75 51.85
C THR A 159 -10.45 35.94 51.46
N ASP A 160 -9.81 36.97 51.99
CA ASP A 160 -8.40 37.15 51.69
C ASP A 160 -7.62 36.05 52.39
N GLU A 161 -8.11 35.61 53.54
CA GLU A 161 -7.42 34.56 54.28
C GLU A 161 -7.53 33.22 53.56
N GLN A 162 -8.74 32.86 53.12
CA GLN A 162 -8.96 31.59 52.41
C GLN A 162 -8.24 31.57 51.06
N ARG A 163 -8.15 32.74 50.43
CA ARG A 163 -7.46 32.83 49.15
C ARG A 163 -6.00 32.38 49.28
N GLN A 164 -5.46 32.38 50.49
CA GLN A 164 -4.08 31.97 50.64
C GLN A 164 -3.94 30.47 50.50
N ILE A 165 -5.05 29.74 50.56
CA ILE A 165 -5.03 28.28 50.40
C ILE A 165 -4.48 27.94 49.00
N GLN A 166 -3.49 27.06 48.93
CA GLN A 166 -2.88 26.71 47.63
C GLN A 166 -3.56 25.52 46.94
N GLU A 167 -4.03 24.55 47.73
CA GLU A 167 -4.68 23.39 47.16
C GLU A 167 -6.00 23.84 46.51
N ILE A 168 -6.15 23.55 45.22
CA ILE A 168 -7.37 23.93 44.52
C ILE A 168 -8.09 22.74 43.89
N ASN A 169 -9.33 22.99 43.50
CA ASN A 169 -10.21 22.00 42.88
C ASN A 169 -9.93 21.93 41.40
N THR A 170 -9.70 20.72 40.90
CA THR A 170 -9.49 20.53 39.48
C THR A 170 -10.86 20.34 38.82
N GLY A 171 -11.90 20.21 39.63
CA GLY A 171 -13.24 20.03 39.10
C GLY A 171 -13.68 18.58 38.93
N ILE A 172 -12.73 17.65 38.91
CA ILE A 172 -13.06 16.24 38.73
C ILE A 172 -13.39 15.60 40.08
N LEU A 173 -14.49 14.86 40.14
CA LEU A 173 -14.86 14.22 41.38
C LEU A 173 -15.77 13.02 41.15
N ILE A 174 -15.85 12.17 42.17
CA ILE A 174 -16.66 10.97 42.06
C ILE A 174 -17.39 10.70 43.37
N ALA A 175 -18.64 10.26 43.25
CA ALA A 175 -19.47 9.95 44.42
C ALA A 175 -20.58 8.98 44.05
N ASN A 176 -21.26 8.43 45.04
CA ASN A 176 -22.37 7.53 44.70
C ASN A 176 -23.52 8.35 44.10
N GLY A 177 -24.17 7.79 43.08
CA GLY A 177 -25.26 8.49 42.41
C GLY A 177 -26.43 8.90 43.29
N ALA A 178 -26.75 8.05 44.26
CA ALA A 178 -27.86 8.32 45.17
C ALA A 178 -27.48 9.52 46.02
N ASP A 179 -26.28 9.48 46.59
CA ASP A 179 -25.77 10.59 47.40
C ASP A 179 -25.70 11.85 46.51
N MET A 180 -25.27 11.66 45.26
CA MET A 180 -25.15 12.77 44.31
C MET A 180 -26.51 13.44 44.04
N LYS A 181 -27.53 12.63 43.78
CA LYS A 181 -28.88 13.12 43.54
C LYS A 181 -29.31 13.95 44.73
N ARG A 182 -29.14 13.38 45.92
CA ARG A 182 -29.52 14.06 47.14
C ARG A 182 -28.85 15.41 47.35
N TRP A 183 -27.53 15.49 47.15
CA TRP A 183 -26.83 16.75 47.35
C TRP A 183 -27.18 17.71 46.25
N LEU A 184 -27.32 17.20 45.04
CA LEU A 184 -27.66 18.08 43.90
C LEU A 184 -28.99 18.78 44.15
N ALA A 185 -29.95 18.05 44.70
CA ALA A 185 -31.26 18.61 44.99
C ALA A 185 -31.16 19.78 45.97
N LYS A 186 -30.17 19.74 46.87
CA LYS A 186 -29.99 20.81 47.87
C LYS A 186 -29.16 22.02 47.45
N LEU A 187 -28.65 22.01 46.23
CA LEU A 187 -27.83 23.11 45.73
C LEU A 187 -28.59 24.44 45.68
N THR A 188 -27.94 25.48 46.17
CA THR A 188 -28.47 26.82 46.22
C THR A 188 -27.72 27.67 45.22
N ASN A 189 -28.35 28.76 44.82
CA ASN A 189 -27.75 29.66 43.85
C ASN A 189 -27.44 31.04 44.35
N ASN A 190 -27.29 31.25 45.65
CA ASN A 190 -26.91 32.61 46.02
C ASN A 190 -25.49 32.62 46.55
N ASN A 191 -24.62 33.13 45.71
CA ASN A 191 -23.22 33.23 46.02
C ASN A 191 -22.64 34.32 45.11
N ALA A 192 -21.33 34.53 45.20
CA ALA A 192 -20.66 35.56 44.42
C ALA A 192 -21.03 35.58 42.95
N GLN A 193 -21.55 34.47 42.43
CA GLN A 193 -21.90 34.44 41.02
C GLN A 193 -23.32 33.98 40.66
N GLY A 194 -24.18 33.83 41.66
CA GLY A 194 -25.53 33.39 41.38
C GLY A 194 -25.64 32.17 40.48
N GLU A 195 -24.91 31.11 40.81
CA GLU A 195 -24.97 29.91 40.01
C GLU A 195 -24.99 28.71 40.91
N TYR A 196 -25.42 27.59 40.37
CA TYR A 196 -25.42 26.40 41.17
C TYR A 196 -24.01 25.81 41.08
N TYR A 197 -23.29 25.83 42.21
CA TYR A 197 -21.89 25.31 42.34
C TYR A 197 -21.90 23.80 42.66
N ILE A 198 -21.35 22.97 41.78
CA ILE A 198 -21.32 21.55 42.10
C ILE A 198 -20.41 21.40 43.32
N THR A 199 -19.48 22.34 43.48
CA THR A 199 -18.53 22.33 44.59
C THR A 199 -19.19 22.39 45.97
N ASP A 200 -20.41 22.94 46.06
CA ASP A 200 -21.09 23.00 47.34
C ASP A 200 -21.39 21.58 47.84
N ILE A 201 -21.43 20.58 46.96
CA ILE A 201 -21.70 19.23 47.42
C ILE A 201 -20.64 18.71 48.41
N ILE A 202 -19.46 19.31 48.41
CA ILE A 202 -18.41 18.89 49.34
C ILE A 202 -18.81 19.21 50.80
N ALA A 203 -19.18 20.46 51.06
CA ALA A 203 -19.57 20.86 52.42
C ALA A 203 -20.81 20.07 52.82
N LEU A 204 -21.67 19.81 51.84
CA LEU A 204 -22.88 19.06 52.07
C LEU A 204 -22.59 17.63 52.47
N ALA A 205 -21.55 17.03 51.87
CA ALA A 205 -21.21 15.64 52.20
C ALA A 205 -20.52 15.57 53.56
N TYR A 206 -19.71 16.57 53.86
CA TYR A 206 -19.03 16.63 55.13
C TYR A 206 -20.08 16.79 56.26
N GLN A 207 -21.03 17.69 56.05
CA GLN A 207 -22.09 17.92 57.02
C GLN A 207 -22.88 16.64 57.31
N GLU A 208 -23.21 15.86 56.28
CA GLU A 208 -23.93 14.60 56.49
C GLU A 208 -23.04 13.60 57.22
N GLY A 209 -21.82 14.02 57.56
CA GLY A 209 -20.90 13.13 58.25
C GLY A 209 -20.09 12.24 57.32
N ARG A 210 -20.28 12.41 56.01
CA ARG A 210 -19.55 11.60 55.04
C ARG A 210 -18.14 12.15 54.82
N GLU A 211 -17.24 11.30 54.34
CA GLU A 211 -15.84 11.66 54.14
C GLU A 211 -15.39 12.00 52.71
N ILE A 212 -14.65 13.09 52.59
CA ILE A 212 -14.14 13.52 51.30
C ILE A 212 -12.62 13.28 51.26
N VAL A 213 -12.19 12.46 50.30
CA VAL A 213 -10.77 12.14 50.12
C VAL A 213 -10.18 12.77 48.86
N ALA A 214 -9.18 13.62 49.02
CA ALA A 214 -8.53 14.25 47.89
C ALA A 214 -7.37 13.42 47.36
N VAL A 215 -7.30 13.31 46.05
CA VAL A 215 -6.26 12.58 45.35
C VAL A 215 -5.60 13.63 44.46
N HIS A 216 -4.37 13.39 44.02
CA HIS A 216 -3.70 14.36 43.15
C HIS A 216 -3.36 13.73 41.80
N PRO A 217 -3.38 14.55 40.73
CA PRO A 217 -3.05 14.04 39.39
C PRO A 217 -1.53 13.79 39.26
N GLN A 218 -1.14 12.87 38.38
CA GLN A 218 0.28 12.59 38.17
C GLN A 218 1.02 13.81 37.61
N ARG A 219 0.42 14.48 36.62
CA ARG A 219 1.02 15.66 36.00
C ARG A 219 -0.04 16.76 35.99
N LEU A 220 0.37 18.01 36.20
CA LEU A 220 -0.56 19.14 36.19
C LEU A 220 -1.29 19.35 34.83
N SER A 221 -0.61 19.02 33.74
CA SER A 221 -1.17 19.15 32.40
C SER A 221 -2.39 18.24 32.24
N GLU A 222 -2.43 17.20 33.05
CA GLU A 222 -3.51 16.23 33.01
C GLU A 222 -4.89 16.82 33.43
N VAL A 223 -4.87 17.95 34.12
CA VAL A 223 -6.08 18.61 34.56
C VAL A 223 -6.24 20.04 34.00
N GLU A 224 -5.46 20.34 32.96
CA GLU A 224 -5.48 21.64 32.28
C GLU A 224 -6.71 21.77 31.38
N GLY A 225 -7.49 22.82 31.59
CA GLY A 225 -8.62 23.02 30.72
C GLY A 225 -8.20 23.98 29.62
N VAL A 226 -8.83 23.84 28.46
CA VAL A 226 -8.56 24.66 27.29
C VAL A 226 -9.73 25.64 27.07
N ASN A 227 -9.40 26.91 26.88
CA ASN A 227 -10.38 27.97 26.61
C ASN A 227 -10.04 28.80 25.36
N ASN A 228 -8.82 28.66 24.86
CA ASN A 228 -8.41 29.38 23.65
C ASN A 228 -7.38 28.48 22.96
N ARG A 229 -7.08 28.81 21.72
CA ARG A 229 -6.14 28.00 20.94
C ARG A 229 -4.70 27.98 21.48
N LEU A 230 -4.26 29.08 22.09
CA LEU A 230 -2.93 29.09 22.65
C LEU A 230 -2.82 27.99 23.68
N GLN A 231 -3.82 27.84 24.55
CA GLN A 231 -3.76 26.81 25.58
C GLN A 231 -3.93 25.42 25.00
N LEU A 232 -4.66 25.32 23.89
CA LEU A 232 -4.82 24.03 23.26
C LEU A 232 -3.44 23.63 22.69
N SER A 233 -2.75 24.57 22.02
CA SER A 233 -1.45 24.26 21.43
C SER A 233 -0.44 23.81 22.46
N ARG A 234 -0.54 24.37 23.66
CA ARG A 234 0.36 23.98 24.74
C ARG A 234 0.11 22.52 25.14
N LEU A 235 -1.15 22.10 25.18
CA LEU A 235 -1.46 20.72 25.53
C LEU A 235 -1.09 19.77 24.38
N GLU A 236 -1.30 20.20 23.14
CA GLU A 236 -0.93 19.38 22.00
C GLU A 236 0.56 19.02 22.22
N ARG A 237 1.40 20.04 22.50
CA ARG A 237 2.83 19.80 22.75
C ARG A 237 3.07 18.86 23.96
N VAL A 238 2.40 19.11 25.09
CA VAL A 238 2.61 18.22 26.23
C VAL A 238 2.23 16.80 25.82
N TYR A 239 1.11 16.70 25.12
CA TYR A 239 0.65 15.40 24.67
C TYR A 239 1.67 14.75 23.72
N GLN A 240 2.06 15.47 22.67
CA GLN A 240 2.99 14.93 21.69
C GLN A 240 4.28 14.49 22.35
N SER A 241 4.80 15.37 23.17
CA SER A 241 6.02 15.10 23.90
C SER A 241 5.90 13.89 24.83
N GLU A 242 4.78 13.74 25.52
CA GLU A 242 4.59 12.59 26.41
C GLU A 242 4.60 11.30 25.60
N GLN A 243 3.95 11.33 24.45
CA GLN A 243 3.92 10.17 23.58
C GLN A 243 5.25 9.86 22.91
N ALA A 244 6.04 10.88 22.60
CA ALA A 244 7.31 10.66 21.96
C ALA A 244 8.22 9.92 22.95
N GLU A 245 8.20 10.37 24.21
CA GLU A 245 9.03 9.73 25.22
C GLU A 245 8.64 8.26 25.45
N LYS A 246 7.34 7.96 25.51
CA LYS A 246 6.90 6.59 25.68
C LYS A 246 7.49 5.74 24.56
N LEU A 247 7.36 6.25 23.34
CA LEU A 247 7.88 5.53 22.18
C LEU A 247 9.40 5.34 22.27
N LEU A 248 10.14 6.37 22.70
CA LEU A 248 11.57 6.24 22.79
C LEU A 248 11.84 5.18 23.84
N LEU A 249 11.17 5.28 24.98
CA LEU A 249 11.40 4.32 26.04
C LEU A 249 11.02 2.91 25.64
N ALA A 250 10.01 2.79 24.77
CA ALA A 250 9.56 1.48 24.29
C ALA A 250 10.42 0.92 23.16
N GLY A 251 11.47 1.64 22.77
CA GLY A 251 12.31 1.11 21.72
C GLY A 251 12.24 1.66 20.31
N VAL A 252 11.52 2.75 20.09
CA VAL A 252 11.44 3.36 18.76
C VAL A 252 12.38 4.57 18.78
N MET A 253 13.29 4.65 17.82
CA MET A 253 14.21 5.77 17.83
C MET A 253 13.60 6.99 17.13
N LEU A 254 13.41 8.07 17.88
CA LEU A 254 12.89 9.33 17.33
C LEU A 254 14.10 10.26 17.26
N ARG A 255 14.47 10.67 16.05
CA ARG A 255 15.62 11.54 15.88
C ARG A 255 15.48 12.86 16.66
N ASP A 256 14.25 13.22 16.99
CA ASP A 256 13.99 14.41 17.77
C ASP A 256 12.56 14.28 18.25
N PRO A 257 12.37 13.91 19.53
CA PRO A 257 11.04 13.75 20.10
C PRO A 257 10.23 15.05 20.15
N ALA A 258 10.92 16.18 19.95
CA ALA A 258 10.27 17.48 19.96
C ALA A 258 9.67 17.81 18.57
N ARG A 259 10.11 17.09 17.54
CA ARG A 259 9.61 17.24 16.17
C ARG A 259 9.00 15.92 15.66
N PHE A 260 8.03 15.44 16.43
CA PHE A 260 7.34 14.20 16.13
C PHE A 260 5.90 14.40 16.51
N ASP A 261 5.00 13.99 15.64
CA ASP A 261 3.60 14.14 15.93
C ASP A 261 2.80 12.85 15.68
N LEU A 262 2.20 12.33 16.74
CA LEU A 262 1.36 11.13 16.62
C LEU A 262 -0.06 11.65 16.73
N ARG A 263 -0.83 11.48 15.68
CA ARG A 263 -2.23 11.92 15.66
C ARG A 263 -3.08 10.73 15.28
N GLY A 264 -3.11 9.76 16.17
CA GLY A 264 -3.87 8.54 15.97
C GLY A 264 -3.25 7.38 16.73
N THR A 265 -3.12 6.22 16.09
CA THR A 265 -2.59 5.04 16.76
C THR A 265 -1.47 4.34 16.01
N LEU A 266 -0.33 4.21 16.68
CA LEU A 266 0.85 3.60 16.09
C LEU A 266 1.20 2.24 16.65
N THR A 267 1.30 1.27 15.75
CA THR A 267 1.69 -0.07 16.13
C THR A 267 3.08 -0.21 15.51
N HIS A 268 4.06 -0.62 16.29
CA HIS A 268 5.39 -0.71 15.74
C HIS A 268 6.15 -1.96 16.12
N GLY A 269 7.11 -2.29 15.29
CA GLY A 269 7.95 -3.43 15.55
C GLY A 269 9.18 -2.98 16.28
N ARG A 270 10.24 -3.76 16.13
CA ARG A 270 11.49 -3.53 16.81
C ARG A 270 12.46 -2.74 15.93
N ASP A 271 13.27 -1.91 16.56
CA ASP A 271 14.26 -1.15 15.85
C ASP A 271 13.76 -0.23 14.72
N VAL A 272 12.59 0.36 14.93
CA VAL A 272 12.04 1.29 13.97
C VAL A 272 12.79 2.64 14.14
N GLU A 273 13.05 3.32 13.04
CA GLU A 273 13.68 4.64 13.14
C GLU A 273 12.81 5.69 12.51
N ILE A 274 12.52 6.73 13.27
CA ILE A 274 11.73 7.84 12.74
C ILE A 274 12.51 9.13 12.87
N ASP A 275 12.76 9.75 11.73
CA ASP A 275 13.52 10.98 11.72
C ASP A 275 12.63 12.13 12.11
N THR A 276 13.20 13.33 12.07
CA THR A 276 12.47 14.54 12.45
C THR A 276 11.23 14.95 11.62
N ASN A 277 10.35 15.72 12.24
CA ASN A 277 9.19 16.24 11.53
C ASN A 277 8.28 15.23 10.87
N VAL A 278 8.30 14.01 11.38
CA VAL A 278 7.43 12.99 10.87
C VAL A 278 6.03 13.11 11.56
N ILE A 279 4.97 12.93 10.81
CA ILE A 279 3.65 12.99 11.42
C ILE A 279 2.98 11.65 11.21
N ILE A 280 2.44 11.03 12.25
CA ILE A 280 1.73 9.77 12.10
C ILE A 280 0.22 10.05 12.31
N GLU A 281 -0.63 9.78 11.29
CA GLU A 281 -2.06 10.04 11.40
C GLU A 281 -2.90 8.79 11.22
N GLY A 282 -3.98 8.73 12.00
CA GLY A 282 -4.89 7.61 11.92
C GLY A 282 -4.25 6.35 12.44
N ASN A 283 -4.68 5.19 11.94
CA ASN A 283 -4.07 3.96 12.41
C ASN A 283 -2.87 3.64 11.54
N VAL A 284 -1.70 3.60 12.16
CA VAL A 284 -0.49 3.29 11.45
C VAL A 284 0.28 2.13 12.04
N THR A 285 0.73 1.25 11.18
CA THR A 285 1.53 0.14 11.61
C THR A 285 2.93 0.16 10.96
N LEU A 286 3.95 0.14 11.80
CA LEU A 286 5.33 0.14 11.33
C LEU A 286 6.02 -1.17 11.71
N GLY A 287 6.33 -1.98 10.72
CA GLY A 287 7.00 -3.22 11.01
C GLY A 287 8.42 -3.03 11.51
N HIS A 288 9.05 -4.15 11.76
CA HIS A 288 10.41 -4.19 12.25
C HIS A 288 11.39 -3.44 11.39
N ARG A 289 12.31 -2.72 12.00
CA ARG A 289 13.37 -2.04 11.24
C ARG A 289 12.95 -1.13 10.04
N VAL A 290 11.79 -0.55 10.14
CA VAL A 290 11.29 0.35 9.15
C VAL A 290 12.05 1.66 9.40
N LYS A 291 12.46 2.34 8.34
CA LYS A 291 13.11 3.63 8.55
C LYS A 291 12.25 4.71 7.90
N ILE A 292 11.82 5.68 8.71
CA ILE A 292 11.01 6.76 8.15
C ILE A 292 11.89 8.03 7.99
N GLY A 293 12.05 8.50 6.76
CA GLY A 293 12.83 9.68 6.48
C GLY A 293 12.20 10.95 7.06
N THR A 294 13.00 11.99 7.22
CA THR A 294 12.53 13.22 7.79
C THR A 294 11.36 13.79 7.01
N GLY A 295 10.42 14.30 7.78
CA GLY A 295 9.26 14.94 7.21
C GLY A 295 8.22 14.09 6.52
N CYS A 296 8.21 12.78 6.74
CA CYS A 296 7.19 11.98 6.11
C CYS A 296 5.85 12.13 6.85
N VAL A 297 4.78 11.92 6.12
CA VAL A 297 3.47 11.92 6.73
C VAL A 297 2.97 10.49 6.46
N ILE A 298 2.72 9.73 7.51
CA ILE A 298 2.23 8.38 7.30
C ILE A 298 0.82 8.38 7.85
N LYS A 299 -0.14 8.04 7.02
CA LYS A 299 -1.55 8.06 7.40
C LYS A 299 -2.31 6.79 7.01
N ASN A 300 -2.97 6.18 8.00
CA ASN A 300 -3.73 4.94 7.79
C ASN A 300 -3.01 3.97 6.87
N SER A 301 -1.78 3.70 7.22
CA SER A 301 -1.01 2.78 6.39
C SER A 301 -0.37 1.73 7.24
N VAL A 302 0.10 0.73 6.52
CA VAL A 302 0.80 -0.37 7.12
C VAL A 302 2.09 -0.44 6.31
N ILE A 303 3.22 -0.35 7.00
CA ILE A 303 4.48 -0.40 6.31
C ILE A 303 5.23 -1.66 6.75
N GLY A 304 5.47 -2.57 5.80
CA GLY A 304 6.12 -3.83 6.10
C GLY A 304 7.51 -3.71 6.68
N ASP A 305 7.96 -4.78 7.32
CA ASP A 305 9.28 -4.83 7.94
C ASP A 305 10.36 -4.42 6.91
N ASP A 306 11.43 -3.80 7.41
CA ASP A 306 12.57 -3.37 6.59
C ASP A 306 12.31 -2.35 5.48
N CYS A 307 11.11 -1.80 5.43
CA CYS A 307 10.86 -0.80 4.42
C CYS A 307 11.62 0.49 4.81
N GLU A 308 12.05 1.23 3.81
CA GLU A 308 12.69 2.52 4.06
C GLU A 308 11.89 3.56 3.29
N ILE A 309 11.43 4.58 3.99
CA ILE A 309 10.68 5.64 3.33
C ILE A 309 11.52 6.89 3.25
N SER A 310 11.79 7.33 2.03
CA SER A 310 12.60 8.55 1.82
C SER A 310 11.95 9.80 2.41
N PRO A 311 12.77 10.81 2.71
CA PRO A 311 12.32 12.09 3.27
C PRO A 311 11.12 12.67 2.54
N TYR A 312 10.23 13.28 3.31
CA TYR A 312 9.06 13.96 2.73
C TYR A 312 8.15 13.12 1.88
N THR A 313 7.98 11.86 2.25
CA THR A 313 7.06 11.05 1.46
C THR A 313 5.74 11.06 2.22
N VAL A 314 4.63 11.11 1.52
CA VAL A 314 3.36 11.01 2.18
C VAL A 314 2.92 9.57 1.87
N VAL A 315 2.68 8.80 2.92
CA VAL A 315 2.22 7.43 2.71
C VAL A 315 0.78 7.46 3.21
N GLU A 316 -0.15 7.25 2.31
CA GLU A 316 -1.54 7.29 2.68
C GLU A 316 -2.34 6.13 2.15
N ASP A 317 -3.27 5.65 2.99
CA ASP A 317 -4.17 4.53 2.65
C ASP A 317 -3.43 3.38 2.01
N ALA A 318 -2.22 3.13 2.45
CA ALA A 318 -1.47 2.07 1.82
C ALA A 318 -0.92 0.99 2.72
N ASN A 319 -0.81 -0.19 2.15
CA ASN A 319 -0.20 -1.28 2.85
C ASN A 319 1.05 -1.53 1.97
N LEU A 320 2.23 -1.30 2.55
CA LEU A 320 3.46 -1.47 1.77
C LEU A 320 4.17 -2.77 2.09
N ALA A 321 4.39 -3.57 1.05
CA ALA A 321 5.07 -4.84 1.15
C ALA A 321 6.46 -4.68 1.78
N ALA A 322 6.83 -5.65 2.60
CA ALA A 322 8.11 -5.67 3.30
C ALA A 322 9.35 -5.42 2.39
N ALA A 323 10.36 -4.81 2.98
CA ALA A 323 11.60 -4.51 2.29
C ALA A 323 11.40 -3.53 1.14
N CYS A 324 10.36 -2.71 1.21
CA CYS A 324 10.16 -1.71 0.17
C CYS A 324 11.10 -0.52 0.33
N THR A 325 11.37 0.15 -0.78
CA THR A 325 12.26 1.31 -0.81
C THR A 325 11.43 2.38 -1.44
N ILE A 326 10.78 3.17 -0.61
CA ILE A 326 9.92 4.19 -1.14
C ILE A 326 10.67 5.48 -1.22
N GLY A 327 11.16 5.74 -2.43
CA GLY A 327 11.91 6.94 -2.66
C GLY A 327 13.22 6.78 -3.37
N PRO A 328 13.65 7.86 -4.05
CA PRO A 328 14.88 7.96 -4.82
C PRO A 328 16.05 7.53 -4.00
N ASN B 3 -3.62 -33.22 -31.96
CA ASN B 3 -2.75 -32.26 -31.20
C ASN B 3 -1.62 -33.00 -30.48
N ASN B 4 -0.71 -33.60 -31.26
CA ASN B 4 0.43 -34.35 -30.70
C ASN B 4 1.12 -33.63 -29.52
N ALA B 5 1.93 -34.37 -28.77
CA ALA B 5 2.69 -33.78 -27.66
C ALA B 5 3.92 -33.10 -28.28
N MET B 6 4.44 -32.03 -27.65
CA MET B 6 5.60 -31.32 -28.20
C MET B 6 6.49 -30.52 -27.25
N SER B 7 7.72 -30.31 -27.70
CA SER B 7 8.70 -29.54 -26.95
C SER B 7 9.19 -28.40 -27.83
N VAL B 8 9.98 -27.51 -27.26
CA VAL B 8 10.49 -26.39 -28.02
C VAL B 8 11.97 -26.16 -27.76
N VAL B 9 12.70 -25.86 -28.82
CA VAL B 9 14.12 -25.54 -28.74
C VAL B 9 14.24 -24.06 -29.11
N ILE B 10 14.91 -23.29 -28.27
CA ILE B 10 15.11 -21.89 -28.54
C ILE B 10 16.59 -21.71 -28.76
N LEU B 11 16.95 -21.22 -29.95
CA LEU B 11 18.34 -21.01 -30.27
C LEU B 11 18.63 -19.60 -29.84
N ALA B 12 19.51 -19.43 -28.86
CA ALA B 12 19.86 -18.13 -28.35
C ALA B 12 21.38 -18.07 -28.12
N ALA B 13 22.14 -18.80 -28.93
CA ALA B 13 23.58 -18.86 -28.72
C ALA B 13 24.44 -17.91 -29.55
N GLY B 14 23.84 -17.20 -30.50
CA GLY B 14 24.61 -16.23 -31.29
C GLY B 14 25.24 -15.16 -30.43
N LYS B 15 26.30 -14.51 -30.93
CA LYS B 15 27.04 -13.46 -30.20
C LYS B 15 26.25 -12.21 -29.70
N GLY B 16 25.73 -11.41 -30.63
CA GLY B 16 25.00 -10.22 -30.24
C GLY B 16 25.93 -9.01 -30.20
N THR B 17 26.96 -9.05 -31.04
CA THR B 17 27.97 -7.99 -31.13
C THR B 17 27.51 -6.54 -31.28
N ARG B 18 26.56 -6.32 -32.20
CA ARG B 18 26.06 -4.98 -32.48
C ARG B 18 25.20 -4.34 -31.37
N MET B 19 25.13 -4.99 -30.21
CA MET B 19 24.39 -4.47 -29.07
C MET B 19 25.33 -3.63 -28.20
N TYR B 20 26.64 -3.88 -28.28
CA TYR B 20 27.64 -3.13 -27.50
C TYR B 20 27.23 -3.13 -26.03
N SER B 21 26.99 -4.32 -25.53
CA SER B 21 26.51 -4.49 -24.17
C SER B 21 27.25 -5.60 -23.45
N ASP B 22 27.34 -5.51 -22.13
CA ASP B 22 27.98 -6.54 -21.33
C ASP B 22 26.86 -7.46 -20.89
N LEU B 23 25.68 -7.20 -21.42
CA LEU B 23 24.53 -8.04 -21.11
C LEU B 23 24.23 -8.87 -22.35
N PRO B 24 24.07 -10.20 -22.18
CA PRO B 24 23.77 -11.09 -23.30
C PRO B 24 22.54 -10.51 -24.02
N LYS B 25 22.63 -10.44 -25.34
CA LYS B 25 21.55 -9.88 -26.15
C LYS B 25 20.12 -10.33 -25.85
N VAL B 26 19.88 -11.64 -25.77
CA VAL B 26 18.54 -12.14 -25.50
C VAL B 26 18.00 -11.76 -24.15
N LEU B 27 18.84 -11.14 -23.32
CA LEU B 27 18.35 -10.73 -22.02
C LEU B 27 17.83 -9.28 -22.03
N HIS B 28 18.18 -8.47 -23.04
CA HIS B 28 17.69 -7.08 -23.10
C HIS B 28 16.18 -7.14 -23.18
N THR B 29 15.54 -6.22 -22.47
CA THR B 29 14.09 -6.26 -22.38
C THR B 29 13.26 -5.60 -23.47
N LEU B 30 12.11 -6.21 -23.71
CA LEU B 30 11.09 -5.76 -24.63
C LEU B 30 9.98 -5.64 -23.58
N ALA B 31 9.48 -4.43 -23.31
CA ALA B 31 8.42 -4.21 -22.34
C ALA B 31 8.72 -4.80 -20.94
N GLY B 32 9.92 -4.53 -20.45
CA GLY B 32 10.26 -5.05 -19.13
C GLY B 32 10.45 -6.56 -18.97
N LYS B 33 10.47 -7.28 -20.08
CA LYS B 33 10.66 -8.73 -20.07
C LYS B 33 11.74 -9.10 -21.12
N ALA B 34 12.84 -9.70 -20.68
CA ALA B 34 13.91 -10.12 -21.60
C ALA B 34 13.31 -10.73 -22.87
N MET B 35 13.90 -10.43 -24.01
CA MET B 35 13.40 -10.97 -25.27
C MET B 35 13.15 -12.45 -25.20
N VAL B 36 14.16 -13.18 -24.75
CA VAL B 36 14.04 -14.62 -24.71
C VAL B 36 12.91 -15.08 -23.79
N GLN B 37 12.63 -14.32 -22.74
CA GLN B 37 11.55 -14.67 -21.83
C GLN B 37 10.23 -14.66 -22.63
N HIS B 38 10.11 -13.71 -23.56
CA HIS B 38 8.94 -13.60 -24.44
C HIS B 38 8.75 -14.89 -25.26
N VAL B 39 9.87 -15.42 -25.74
CA VAL B 39 9.86 -16.64 -26.54
C VAL B 39 9.45 -17.79 -25.64
N ILE B 40 10.12 -17.89 -24.50
CA ILE B 40 9.84 -18.92 -23.52
C ILE B 40 8.36 -18.89 -23.13
N ASP B 41 7.84 -17.70 -22.84
CA ASP B 41 6.43 -17.59 -22.48
C ASP B 41 5.53 -18.07 -23.62
N ALA B 42 5.85 -17.70 -24.86
CA ALA B 42 5.04 -18.15 -25.98
C ALA B 42 5.11 -19.68 -26.12
N ALA B 43 6.30 -20.25 -25.92
CA ALA B 43 6.48 -21.69 -26.00
C ALA B 43 5.56 -22.37 -24.98
N ASN B 44 5.64 -21.92 -23.73
CA ASN B 44 4.82 -22.49 -22.68
C ASN B 44 3.32 -22.37 -22.87
N GLU B 45 2.86 -21.20 -23.31
CA GLU B 45 1.44 -20.97 -23.54
C GLU B 45 0.97 -21.90 -24.66
N LEU B 46 1.90 -22.26 -25.55
CA LEU B 46 1.61 -23.15 -26.68
C LEU B 46 1.48 -24.62 -26.22
N GLY B 47 1.99 -24.89 -25.02
CA GLY B 47 1.90 -26.20 -24.45
C GLY B 47 3.18 -27.02 -24.50
N ALA B 48 4.32 -26.34 -24.60
CA ALA B 48 5.59 -27.05 -24.66
C ALA B 48 5.86 -27.83 -23.37
N ALA B 49 6.07 -29.13 -23.50
CA ALA B 49 6.35 -29.99 -22.34
C ALA B 49 7.74 -29.70 -21.79
N HIS B 50 8.65 -29.38 -22.70
CA HIS B 50 10.02 -29.04 -22.34
C HIS B 50 10.48 -27.86 -23.17
N VAL B 51 11.36 -27.05 -22.60
CA VAL B 51 11.87 -25.92 -23.34
C VAL B 51 13.35 -26.02 -23.21
N HIS B 52 14.01 -26.27 -24.34
CA HIS B 52 15.45 -26.38 -24.44
C HIS B 52 15.97 -25.03 -24.84
N LEU B 53 16.85 -24.45 -24.04
CA LEU B 53 17.42 -23.17 -24.38
C LEU B 53 18.86 -23.42 -24.74
N VAL B 54 19.18 -23.19 -26.00
CA VAL B 54 20.54 -23.39 -26.48
C VAL B 54 21.27 -22.08 -26.34
N TYR B 55 22.26 -22.06 -25.47
CA TYR B 55 23.07 -20.86 -25.21
C TYR B 55 24.56 -21.07 -25.51
N GLY B 56 25.26 -19.94 -25.68
CA GLY B 56 26.69 -19.91 -25.94
C GLY B 56 27.27 -19.36 -24.66
N HIS B 57 27.95 -18.22 -24.69
CA HIS B 57 28.46 -17.70 -23.42
C HIS B 57 27.42 -16.91 -22.62
N GLY B 58 27.78 -16.60 -21.37
CA GLY B 58 26.88 -15.85 -20.51
C GLY B 58 25.87 -16.74 -19.80
N GLY B 59 26.10 -18.04 -19.84
CA GLY B 59 25.21 -19.01 -19.21
C GLY B 59 24.88 -18.63 -17.79
N ASP B 60 25.89 -18.12 -17.08
CA ASP B 60 25.69 -17.72 -15.70
C ASP B 60 24.74 -16.52 -15.63
N LEU B 61 24.98 -15.51 -16.45
CA LEU B 61 24.08 -14.37 -16.46
C LEU B 61 22.69 -14.87 -16.88
N LEU B 62 22.68 -15.69 -17.93
CA LEU B 62 21.45 -16.27 -18.46
C LEU B 62 20.73 -17.14 -17.45
N LYS B 63 21.43 -18.11 -16.85
CA LYS B 63 20.80 -19.01 -15.88
C LYS B 63 20.30 -18.22 -14.68
N GLN B 64 21.04 -17.21 -14.28
CA GLN B 64 20.62 -16.40 -13.14
C GLN B 64 19.32 -15.67 -13.49
N ALA B 65 19.33 -14.97 -14.61
CA ALA B 65 18.15 -14.20 -15.05
C ALA B 65 16.90 -15.05 -15.25
N LEU B 66 17.05 -16.21 -15.90
CA LEU B 66 15.91 -17.07 -16.17
C LEU B 66 15.76 -18.20 -15.16
N LYS B 67 16.25 -17.99 -13.94
CA LYS B 67 16.21 -18.99 -12.87
C LYS B 67 14.83 -19.51 -12.51
N ASP B 68 13.82 -18.66 -12.67
CA ASP B 68 12.47 -19.05 -12.32
C ASP B 68 11.76 -19.84 -13.43
N ASP B 69 12.52 -20.28 -14.44
CA ASP B 69 11.92 -21.06 -15.53
C ASP B 69 12.45 -22.50 -15.56
N ASN B 70 11.58 -23.43 -15.91
CA ASN B 70 11.96 -24.84 -16.03
C ASN B 70 12.48 -25.07 -17.45
N LEU B 71 13.71 -24.64 -17.64
CA LEU B 71 14.38 -24.75 -18.91
C LEU B 71 15.41 -25.85 -18.83
N ASN B 72 15.62 -26.49 -19.97
CA ASN B 72 16.66 -27.48 -20.04
C ASN B 72 17.77 -26.72 -20.75
N TRP B 73 18.86 -26.46 -20.04
CA TRP B 73 19.98 -25.75 -20.61
C TRP B 73 20.84 -26.62 -21.49
N VAL B 74 20.96 -26.22 -22.76
CA VAL B 74 21.76 -26.95 -23.74
C VAL B 74 22.89 -26.01 -24.20
N LEU B 75 24.13 -26.34 -23.91
CA LEU B 75 25.25 -25.47 -24.29
C LEU B 75 25.70 -25.73 -25.71
N GLN B 76 25.93 -24.66 -26.46
CA GLN B 76 26.46 -24.80 -27.80
C GLN B 76 27.80 -24.14 -27.63
N ALA B 77 28.80 -25.00 -27.40
CA ALA B 77 30.17 -24.59 -27.20
C ALA B 77 30.64 -23.53 -28.21
N GLU B 78 30.53 -23.87 -29.49
CA GLU B 78 30.98 -22.96 -30.52
C GLU B 78 29.83 -22.76 -31.49
N GLN B 79 29.72 -21.57 -32.06
CA GLN B 79 28.60 -21.30 -32.97
C GLN B 79 28.79 -21.78 -34.39
N LEU B 80 28.48 -23.05 -34.58
CA LEU B 80 28.65 -23.65 -35.88
C LEU B 80 27.39 -23.72 -36.75
N GLY B 81 26.46 -22.79 -36.56
CA GLY B 81 25.26 -22.79 -37.36
C GLY B 81 24.05 -23.39 -36.65
N THR B 82 22.88 -22.95 -37.07
CA THR B 82 21.64 -23.45 -36.49
C THR B 82 21.51 -24.98 -36.44
N GLY B 83 22.05 -25.66 -37.47
CA GLY B 83 21.95 -27.12 -37.52
C GLY B 83 22.74 -27.78 -36.41
N HIS B 84 23.90 -27.17 -36.16
CA HIS B 84 24.80 -27.62 -35.12
C HIS B 84 24.18 -27.32 -33.75
N ALA B 85 23.56 -26.14 -33.62
CA ALA B 85 22.93 -25.78 -32.35
C ALA B 85 21.85 -26.79 -32.09
N MET B 86 21.11 -27.15 -33.12
CA MET B 86 20.04 -28.10 -32.95
C MET B 86 20.59 -29.48 -32.58
N GLN B 87 21.75 -29.84 -33.15
CA GLN B 87 22.34 -31.14 -32.87
C GLN B 87 22.65 -31.29 -31.38
N GLN B 88 23.02 -30.17 -30.73
CA GLN B 88 23.33 -30.22 -29.30
C GLN B 88 22.07 -30.50 -28.51
N ALA B 89 20.93 -30.05 -29.01
CA ALA B 89 19.69 -30.29 -28.31
C ALA B 89 19.01 -31.62 -28.70
N ALA B 90 19.36 -32.17 -29.85
CA ALA B 90 18.75 -33.41 -30.33
C ALA B 90 18.62 -34.52 -29.27
N PRO B 91 19.73 -34.88 -28.60
CA PRO B 91 19.70 -35.93 -27.57
C PRO B 91 18.51 -35.84 -26.61
N PHE B 92 17.94 -34.64 -26.50
CA PHE B 92 16.83 -34.39 -25.59
C PHE B 92 15.42 -34.42 -26.22
N PHE B 93 15.34 -34.56 -27.54
CA PHE B 93 14.03 -34.62 -28.16
C PHE B 93 13.48 -36.03 -27.94
N ALA B 94 12.19 -36.14 -27.73
CA ALA B 94 11.57 -37.45 -27.54
C ALA B 94 11.07 -37.85 -28.92
N ASP B 95 11.20 -39.11 -29.27
CA ASP B 95 10.73 -39.56 -30.57
C ASP B 95 9.20 -39.46 -30.67
N ASP B 96 8.53 -39.39 -29.52
CA ASP B 96 7.06 -39.35 -29.44
C ASP B 96 6.43 -37.94 -29.50
N GLU B 97 7.26 -36.91 -29.65
CA GLU B 97 6.78 -35.53 -29.65
C GLU B 97 7.22 -34.71 -30.86
N ASP B 98 6.54 -33.59 -31.08
CA ASP B 98 6.93 -32.68 -32.14
C ASP B 98 8.00 -31.77 -31.50
N ILE B 99 8.96 -31.32 -32.29
CA ILE B 99 10.00 -30.41 -31.82
C ILE B 99 9.85 -29.11 -32.60
N LEU B 100 9.41 -28.05 -31.93
CA LEU B 100 9.26 -26.75 -32.59
C LEU B 100 10.53 -25.95 -32.33
N MET B 101 11.10 -25.35 -33.36
CA MET B 101 12.29 -24.55 -33.13
C MET B 101 12.00 -23.05 -33.24
N LEU B 102 12.56 -22.28 -32.31
CA LEU B 102 12.41 -20.83 -32.24
C LEU B 102 13.73 -20.14 -32.00
N TYR B 103 13.77 -18.83 -32.23
CA TYR B 103 14.98 -18.02 -32.02
C TYR B 103 14.79 -17.23 -30.72
N GLY B 104 15.87 -17.08 -29.94
CA GLY B 104 15.73 -16.33 -28.73
C GLY B 104 15.71 -14.83 -28.96
N ASP B 105 15.91 -14.37 -30.19
CA ASP B 105 15.94 -12.93 -30.45
C ASP B 105 14.85 -12.44 -31.44
N VAL B 106 13.73 -13.19 -31.46
CA VAL B 106 12.55 -12.90 -32.29
C VAL B 106 11.44 -12.95 -31.24
N PRO B 107 11.37 -11.89 -30.41
CA PRO B 107 10.43 -11.75 -29.31
C PRO B 107 8.93 -11.71 -29.53
N LEU B 108 8.46 -11.22 -30.66
CA LEU B 108 7.01 -11.12 -30.86
C LEU B 108 6.30 -12.26 -31.56
N ILE B 109 6.93 -13.43 -31.68
CA ILE B 109 6.29 -14.56 -32.33
C ILE B 109 4.99 -14.86 -31.52
N SER B 110 3.85 -14.97 -32.20
CA SER B 110 2.60 -15.22 -31.48
C SER B 110 2.20 -16.67 -31.32
N VAL B 111 1.54 -16.98 -30.21
CA VAL B 111 1.08 -18.34 -30.00
C VAL B 111 0.07 -18.73 -31.10
N GLU B 112 -0.70 -17.76 -31.58
CA GLU B 112 -1.69 -18.02 -32.64
C GLU B 112 -1.00 -18.54 -33.90
N THR B 113 0.05 -17.83 -34.31
CA THR B 113 0.80 -18.21 -35.50
C THR B 113 1.48 -19.54 -35.28
N LEU B 114 2.05 -19.76 -34.10
CA LEU B 114 2.71 -21.01 -33.83
C LEU B 114 1.71 -22.18 -33.84
N GLN B 115 0.51 -21.95 -33.31
CA GLN B 115 -0.51 -22.99 -33.31
C GLN B 115 -0.90 -23.31 -34.73
N ARG B 116 -1.03 -22.30 -35.58
CA ARG B 116 -1.37 -22.55 -36.98
C ARG B 116 -0.29 -23.39 -37.65
N LEU B 117 0.97 -23.20 -37.22
CA LEU B 117 2.10 -23.95 -37.75
C LEU B 117 1.93 -25.41 -37.33
N ARG B 118 1.72 -25.64 -36.04
CA ARG B 118 1.53 -27.01 -35.54
C ARG B 118 0.46 -27.72 -36.37
N ASP B 119 -0.66 -27.03 -36.59
CA ASP B 119 -1.77 -27.57 -37.35
C ASP B 119 -1.43 -27.85 -38.81
N ALA B 120 -0.48 -27.12 -39.37
CA ALA B 120 -0.11 -27.31 -40.78
C ALA B 120 0.97 -28.36 -40.98
N LYS B 121 1.61 -28.79 -39.89
CA LYS B 121 2.66 -29.78 -40.02
C LYS B 121 2.12 -31.14 -40.41
N PRO B 122 2.34 -31.56 -41.66
CA PRO B 122 1.85 -32.86 -42.13
C PRO B 122 2.48 -34.00 -41.32
N GLN B 123 1.81 -35.14 -41.23
CA GLN B 123 2.35 -36.24 -40.47
C GLN B 123 3.63 -36.71 -41.12
N GLY B 124 4.65 -36.94 -40.31
CA GLY B 124 5.94 -37.36 -40.83
C GLY B 124 6.67 -36.24 -41.55
N GLY B 125 5.97 -35.15 -41.83
CA GLY B 125 6.59 -34.04 -42.52
C GLY B 125 7.11 -32.92 -41.63
N ILE B 126 7.17 -31.73 -42.22
CA ILE B 126 7.66 -30.56 -41.53
C ILE B 126 6.73 -29.35 -41.71
N GLY B 127 6.61 -28.59 -40.62
CA GLY B 127 5.83 -27.37 -40.64
C GLY B 127 6.86 -26.25 -40.67
N LEU B 128 6.78 -25.37 -41.67
CA LEU B 128 7.72 -24.26 -41.85
C LEU B 128 7.05 -22.90 -41.98
N LEU B 129 7.57 -21.93 -41.25
CA LEU B 129 7.03 -20.56 -41.25
C LEU B 129 7.80 -19.68 -42.24
N THR B 130 7.15 -19.27 -43.32
CA THR B 130 7.80 -18.46 -44.34
C THR B 130 7.08 -17.14 -44.60
N VAL B 131 7.80 -16.16 -45.12
CA VAL B 131 7.23 -14.85 -45.46
C VAL B 131 7.84 -14.36 -46.77
N LYS B 132 7.02 -13.77 -47.61
CA LYS B 132 7.51 -13.22 -48.89
C LYS B 132 7.91 -11.79 -48.61
N LEU B 133 9.20 -11.52 -48.72
CA LEU B 133 9.71 -10.18 -48.46
C LEU B 133 10.01 -9.49 -49.77
N ASP B 134 9.95 -8.16 -49.75
CA ASP B 134 10.24 -7.36 -50.94
C ASP B 134 11.72 -7.49 -51.27
N ASP B 135 12.54 -7.55 -50.24
CA ASP B 135 13.97 -7.74 -50.43
C ASP B 135 14.35 -8.99 -49.63
N PRO B 136 14.38 -10.16 -50.30
CA PRO B 136 14.71 -11.43 -49.66
C PRO B 136 16.19 -11.56 -49.33
N THR B 137 16.96 -10.53 -49.65
CA THR B 137 18.41 -10.53 -49.41
C THR B 137 18.86 -10.96 -48.00
N GLY B 138 19.82 -11.90 -47.97
CA GLY B 138 20.35 -12.40 -46.71
C GLY B 138 19.58 -13.55 -46.08
N TYR B 139 18.42 -13.89 -46.62
CA TYR B 139 17.64 -14.96 -46.03
C TYR B 139 17.53 -16.24 -46.85
N GLY B 140 17.34 -17.35 -46.14
CA GLY B 140 17.19 -18.62 -46.81
C GLY B 140 16.00 -18.56 -47.76
N ARG B 141 16.22 -19.00 -49.00
CA ARG B 141 15.19 -18.97 -50.01
C ARG B 141 14.43 -20.28 -50.08
N ILE B 142 13.11 -20.19 -50.12
CA ILE B 142 12.27 -21.37 -50.18
C ILE B 142 12.20 -21.86 -51.61
N THR B 143 12.47 -23.13 -51.79
CA THR B 143 12.46 -23.73 -53.09
C THR B 143 11.21 -24.58 -53.20
N ARG B 144 10.53 -24.45 -54.34
CA ARG B 144 9.31 -25.19 -54.56
C ARG B 144 9.34 -25.90 -55.90
N GLU B 145 8.51 -26.93 -56.02
CA GLU B 145 8.41 -27.70 -57.25
C GLU B 145 6.98 -28.18 -57.37
N ASN B 146 6.28 -27.71 -58.39
CA ASN B 146 4.88 -28.06 -58.60
C ASN B 146 4.08 -27.49 -57.41
N GLY B 147 4.61 -26.41 -56.82
CA GLY B 147 3.94 -25.77 -55.70
C GLY B 147 4.25 -26.41 -54.36
N LYS B 148 5.10 -27.44 -54.37
CA LYS B 148 5.47 -28.14 -53.14
C LYS B 148 6.84 -27.66 -52.64
N VAL B 149 6.92 -27.31 -51.36
CA VAL B 149 8.20 -26.87 -50.79
C VAL B 149 9.20 -28.02 -51.00
N THR B 150 10.33 -27.68 -51.61
CA THR B 150 11.39 -28.65 -51.91
C THR B 150 12.66 -28.55 -51.09
N GLY B 151 13.05 -27.33 -50.75
CA GLY B 151 14.24 -27.17 -49.94
C GLY B 151 14.40 -25.73 -49.56
N ILE B 152 15.44 -25.44 -48.78
CA ILE B 152 15.77 -24.07 -48.38
C ILE B 152 17.23 -23.92 -48.78
N VAL B 153 17.52 -22.87 -49.53
CA VAL B 153 18.88 -22.62 -49.96
C VAL B 153 19.30 -21.27 -49.38
N GLU B 154 20.27 -21.32 -48.48
CA GLU B 154 20.77 -20.14 -47.82
C GLU B 154 21.22 -19.08 -48.79
N HIS B 155 20.99 -17.81 -48.45
CA HIS B 155 21.37 -16.71 -49.35
C HIS B 155 22.75 -16.89 -49.96
N LYS B 156 23.75 -17.11 -49.10
CA LYS B 156 25.13 -17.31 -49.56
C LYS B 156 25.33 -18.48 -50.52
N ASP B 157 24.57 -19.56 -50.38
CA ASP B 157 24.71 -20.70 -51.27
C ASP B 157 23.87 -20.55 -52.54
N ALA B 158 22.97 -19.58 -52.55
CA ALA B 158 22.09 -19.39 -53.69
C ALA B 158 22.72 -18.74 -54.91
N THR B 159 22.26 -19.19 -56.07
CA THR B 159 22.70 -18.65 -57.35
C THR B 159 21.86 -17.39 -57.48
N ASP B 160 22.14 -16.57 -58.49
CA ASP B 160 21.37 -15.34 -58.70
C ASP B 160 19.91 -15.67 -59.03
N GLU B 161 19.70 -16.78 -59.74
CA GLU B 161 18.35 -17.23 -60.11
C GLU B 161 17.57 -17.54 -58.84
N GLN B 162 18.25 -18.19 -57.90
CA GLN B 162 17.63 -18.56 -56.64
C GLN B 162 17.41 -17.32 -55.77
N ARG B 163 18.34 -16.36 -55.83
CA ARG B 163 18.25 -15.12 -55.07
C ARG B 163 17.03 -14.30 -55.47
N GLN B 164 16.44 -14.66 -56.61
CA GLN B 164 15.23 -14.01 -57.11
C GLN B 164 14.03 -14.45 -56.27
N ILE B 165 14.09 -15.65 -55.70
CA ILE B 165 13.02 -16.15 -54.86
C ILE B 165 12.78 -15.12 -53.75
N GLN B 166 11.51 -14.86 -53.47
CA GLN B 166 11.16 -13.87 -52.45
C GLN B 166 10.57 -14.48 -51.20
N GLU B 167 10.16 -15.73 -51.31
CA GLU B 167 9.63 -16.42 -50.16
C GLU B 167 10.86 -16.85 -49.37
N ILE B 168 10.97 -16.35 -48.14
CA ILE B 168 12.11 -16.70 -47.34
C ILE B 168 11.75 -17.44 -46.06
N ASN B 169 12.78 -18.01 -45.46
CA ASN B 169 12.66 -18.78 -44.24
C ASN B 169 12.77 -17.84 -43.05
N THR B 170 11.81 -17.93 -42.14
CA THR B 170 11.81 -17.10 -40.96
C THR B 170 12.63 -17.81 -39.90
N GLY B 171 12.97 -19.08 -40.14
CA GLY B 171 13.73 -19.79 -39.14
C GLY B 171 12.92 -20.67 -38.24
N ILE B 172 11.63 -20.41 -38.13
CA ILE B 172 10.78 -21.21 -37.25
C ILE B 172 10.25 -22.44 -37.98
N LEU B 173 10.37 -23.60 -37.35
CA LEU B 173 9.88 -24.83 -37.95
C LEU B 173 9.52 -25.90 -36.92
N ILE B 174 8.72 -26.87 -37.36
CA ILE B 174 8.29 -27.92 -36.47
C ILE B 174 8.25 -29.27 -37.18
N ALA B 175 8.76 -30.28 -36.50
CA ALA B 175 8.80 -31.64 -37.05
C ALA B 175 8.81 -32.64 -35.90
N ASN B 176 8.59 -33.90 -36.23
CA ASN B 176 8.62 -34.94 -35.21
C ASN B 176 10.07 -35.12 -34.73
N GLY B 177 10.23 -35.34 -33.43
CA GLY B 177 11.56 -35.50 -32.85
C GLY B 177 12.41 -36.61 -33.44
N ALA B 178 11.76 -37.73 -33.68
CA ALA B 178 12.43 -38.90 -34.25
C ALA B 178 13.00 -38.52 -35.61
N ASP B 179 12.11 -37.96 -36.44
CA ASP B 179 12.47 -37.49 -37.78
C ASP B 179 13.58 -36.43 -37.69
N MET B 180 13.45 -35.52 -36.73
CA MET B 180 14.42 -34.46 -36.50
C MET B 180 15.80 -35.04 -36.17
N LYS B 181 15.84 -35.97 -35.20
CA LYS B 181 17.10 -36.60 -34.80
C LYS B 181 17.78 -37.23 -36.04
N ARG B 182 16.99 -37.99 -36.77
CA ARG B 182 17.49 -38.64 -37.97
C ARG B 182 18.06 -37.68 -39.02
N TRP B 183 17.37 -36.57 -39.31
CA TRP B 183 17.88 -35.62 -40.30
C TRP B 183 19.08 -34.88 -39.72
N LEU B 184 18.99 -34.53 -38.43
CA LEU B 184 20.06 -33.80 -37.78
C LEU B 184 21.38 -34.54 -37.93
N ALA B 185 21.36 -35.85 -37.67
CA ALA B 185 22.54 -36.68 -37.76
C ALA B 185 23.20 -36.63 -39.13
N LYS B 186 22.42 -36.39 -40.18
CA LYS B 186 22.96 -36.33 -41.56
C LYS B 186 23.44 -34.94 -42.04
N LEU B 187 23.42 -33.94 -41.16
CA LEU B 187 23.85 -32.60 -41.54
C LEU B 187 25.33 -32.52 -41.89
N THR B 188 25.60 -31.85 -43.00
CA THR B 188 26.96 -31.63 -43.47
C THR B 188 27.28 -30.15 -43.34
N ASN B 189 28.56 -29.79 -43.34
CA ASN B 189 28.94 -28.40 -43.25
C ASN B 189 29.76 -28.09 -44.48
N ASN B 190 29.47 -28.84 -45.53
CA ASN B 190 30.16 -28.71 -46.79
C ASN B 190 29.49 -27.67 -47.68
N ASN B 191 29.29 -26.48 -47.13
CA ASN B 191 28.62 -25.41 -47.85
C ASN B 191 29.46 -24.15 -47.84
N ALA B 192 28.87 -23.05 -48.32
CA ALA B 192 29.60 -21.78 -48.43
C ALA B 192 30.15 -21.26 -47.13
N GLN B 193 29.46 -21.58 -46.05
CA GLN B 193 29.87 -21.06 -44.76
C GLN B 193 30.55 -22.03 -43.80
N GLY B 194 30.59 -23.29 -44.17
CA GLY B 194 31.23 -24.25 -43.30
C GLY B 194 30.45 -24.32 -42.00
N GLU B 195 29.13 -24.21 -42.12
CA GLU B 195 28.27 -24.26 -40.96
C GLU B 195 27.28 -25.40 -41.13
N TYR B 196 26.72 -25.85 -40.03
CA TYR B 196 25.71 -26.88 -40.12
C TYR B 196 24.38 -26.13 -40.19
N TYR B 197 23.71 -26.24 -41.33
CA TYR B 197 22.46 -25.56 -41.60
C TYR B 197 21.24 -26.37 -41.21
N ILE B 198 20.48 -25.92 -40.22
CA ILE B 198 19.29 -26.68 -39.86
C ILE B 198 18.40 -26.74 -41.11
N THR B 199 18.48 -25.71 -41.95
CA THR B 199 17.68 -25.62 -43.19
C THR B 199 17.84 -26.80 -44.17
N ASP B 200 18.99 -27.46 -44.16
CA ASP B 200 19.18 -28.64 -45.01
C ASP B 200 18.17 -29.74 -44.63
N ILE B 201 17.62 -29.72 -43.41
CA ILE B 201 16.65 -30.77 -43.08
C ILE B 201 15.41 -30.75 -43.98
N ILE B 202 15.16 -29.63 -44.68
CA ILE B 202 13.99 -29.54 -45.57
C ILE B 202 14.19 -30.42 -46.80
N ALA B 203 15.30 -30.22 -47.50
CA ALA B 203 15.60 -31.02 -48.68
C ALA B 203 15.73 -32.47 -48.26
N LEU B 204 16.27 -32.71 -47.07
CA LEU B 204 16.41 -34.06 -46.58
C LEU B 204 15.03 -34.68 -46.39
N ALA B 205 14.10 -33.92 -45.82
CA ALA B 205 12.75 -34.43 -45.58
C ALA B 205 12.03 -34.71 -46.88
N TYR B 206 12.21 -33.81 -47.84
CA TYR B 206 11.59 -33.96 -49.16
C TYR B 206 12.13 -35.22 -49.81
N GLN B 207 13.43 -35.45 -49.66
CA GLN B 207 14.05 -36.63 -50.24
C GLN B 207 13.50 -37.94 -49.67
N GLU B 208 13.30 -38.01 -48.37
CA GLU B 208 12.74 -39.21 -47.76
C GLU B 208 11.28 -39.34 -48.19
N GLY B 209 10.81 -38.43 -49.02
CA GLY B 209 9.44 -38.51 -49.48
C GLY B 209 8.43 -37.81 -48.58
N ARG B 210 8.89 -37.23 -47.47
CA ARG B 210 7.98 -36.54 -46.56
C ARG B 210 7.61 -35.17 -47.12
N GLU B 211 6.52 -34.59 -46.60
CA GLU B 211 6.03 -33.29 -47.08
C GLU B 211 6.29 -32.10 -46.18
N ILE B 212 6.67 -30.98 -46.79
CA ILE B 212 6.93 -29.75 -46.05
C ILE B 212 5.82 -28.75 -46.39
N VAL B 213 5.15 -28.27 -45.36
CA VAL B 213 4.07 -27.31 -45.56
C VAL B 213 4.48 -25.97 -44.95
N ALA B 214 4.43 -24.93 -45.77
CA ALA B 214 4.75 -23.59 -45.36
C ALA B 214 3.51 -22.84 -44.91
N VAL B 215 3.63 -22.16 -43.77
CA VAL B 215 2.57 -21.34 -43.19
C VAL B 215 3.15 -19.92 -43.11
N HIS B 216 2.29 -18.90 -43.08
CA HIS B 216 2.82 -17.54 -43.00
C HIS B 216 2.41 -16.84 -41.70
N PRO B 217 3.24 -15.91 -41.22
CA PRO B 217 2.93 -15.18 -39.99
C PRO B 217 1.85 -14.11 -40.22
N GLN B 218 1.11 -13.75 -39.18
CA GLN B 218 0.05 -12.72 -39.27
C GLN B 218 0.63 -11.35 -39.64
N ARG B 219 1.72 -10.99 -38.97
CA ARG B 219 2.39 -9.71 -39.21
C ARG B 219 3.87 -9.98 -39.31
N LEU B 220 4.55 -9.19 -40.14
CA LEU B 220 5.97 -9.33 -40.33
C LEU B 220 6.77 -9.12 -39.05
N SER B 221 6.34 -8.17 -38.21
CA SER B 221 7.05 -7.88 -36.97
C SER B 221 7.09 -9.10 -36.07
N GLU B 222 6.16 -10.02 -36.26
CA GLU B 222 6.09 -11.23 -35.46
C GLU B 222 7.28 -12.20 -35.68
N VAL B 223 8.01 -12.03 -36.77
CA VAL B 223 9.17 -12.88 -37.06
C VAL B 223 10.47 -12.05 -37.18
N GLU B 224 10.44 -10.81 -36.69
CA GLU B 224 11.57 -9.87 -36.70
C GLU B 224 12.60 -10.25 -35.65
N GLY B 225 13.82 -10.46 -36.08
CA GLY B 225 14.89 -10.75 -35.13
C GLY B 225 15.56 -9.44 -34.75
N VAL B 226 16.08 -9.37 -33.53
CA VAL B 226 16.77 -8.19 -33.01
C VAL B 226 18.27 -8.46 -32.92
N ASN B 227 19.07 -7.53 -33.45
CA ASN B 227 20.53 -7.61 -33.42
C ASN B 227 21.20 -6.35 -32.89
N ASN B 228 20.43 -5.27 -32.76
CA ASN B 228 20.96 -4.01 -32.24
C ASN B 228 19.78 -3.29 -31.53
N ARG B 229 20.08 -2.29 -30.71
CA ARG B 229 19.06 -1.58 -29.93
C ARG B 229 17.96 -0.91 -30.73
N LEU B 230 18.33 -0.40 -31.90
CA LEU B 230 17.38 0.26 -32.79
C LEU B 230 16.25 -0.73 -33.15
N GLN B 231 16.60 -1.93 -33.60
CA GLN B 231 15.59 -2.91 -33.95
C GLN B 231 14.78 -3.27 -32.73
N LEU B 232 15.46 -3.41 -31.57
CA LEU B 232 14.74 -3.72 -30.33
C LEU B 232 13.74 -2.56 -30.03
N SER B 233 14.19 -1.30 -30.15
CA SER B 233 13.30 -0.15 -29.89
C SER B 233 12.00 -0.15 -30.70
N ARG B 234 12.06 -0.56 -31.97
CA ARG B 234 10.89 -0.65 -32.84
C ARG B 234 9.95 -1.81 -32.38
N LEU B 235 10.53 -2.93 -31.96
CA LEU B 235 9.68 -4.01 -31.49
C LEU B 235 9.00 -3.61 -30.19
N GLU B 236 9.59 -2.70 -29.44
CA GLU B 236 9.01 -2.20 -28.20
C GLU B 236 7.74 -1.38 -28.56
N ARG B 237 7.86 -0.55 -29.59
CA ARG B 237 6.74 0.25 -30.03
C ARG B 237 5.64 -0.66 -30.60
N VAL B 238 6.02 -1.66 -31.37
CA VAL B 238 5.04 -2.54 -31.94
C VAL B 238 4.32 -3.21 -30.78
N TYR B 239 5.09 -3.78 -29.87
CA TYR B 239 4.47 -4.43 -28.72
C TYR B 239 3.62 -3.50 -27.86
N GLN B 240 4.08 -2.28 -27.60
CA GLN B 240 3.28 -1.41 -26.77
C GLN B 240 2.00 -1.00 -27.46
N SER B 241 2.10 -0.67 -28.75
CA SER B 241 0.94 -0.24 -29.46
C SER B 241 -0.09 -1.37 -29.49
N GLU B 242 0.36 -2.62 -29.62
CA GLU B 242 -0.57 -3.74 -29.61
C GLU B 242 -1.20 -3.78 -28.23
N GLN B 243 -0.39 -3.74 -27.18
CA GLN B 243 -0.95 -3.75 -25.83
C GLN B 243 -1.93 -2.58 -25.62
N ALA B 244 -1.57 -1.40 -26.11
CA ALA B 244 -2.37 -0.22 -25.91
C ALA B 244 -3.72 -0.31 -26.58
N GLU B 245 -3.74 -0.76 -27.82
CA GLU B 245 -4.99 -0.92 -28.55
C GLU B 245 -5.86 -2.02 -27.95
N LYS B 246 -5.24 -3.06 -27.40
CA LYS B 246 -6.00 -4.14 -26.77
C LYS B 246 -6.79 -3.52 -25.65
N LEU B 247 -6.07 -2.85 -24.75
CA LEU B 247 -6.67 -2.19 -23.61
C LEU B 247 -7.81 -1.21 -23.99
N LEU B 248 -7.61 -0.41 -25.03
CA LEU B 248 -8.64 0.53 -25.44
C LEU B 248 -9.94 -0.19 -25.85
N LEU B 249 -9.77 -1.25 -26.61
CA LEU B 249 -10.88 -2.04 -27.06
C LEU B 249 -11.50 -2.80 -25.89
N ALA B 250 -10.70 -3.10 -24.87
CA ALA B 250 -11.22 -3.81 -23.71
C ALA B 250 -11.92 -2.88 -22.71
N GLY B 251 -12.01 -1.60 -23.01
CA GLY B 251 -12.69 -0.68 -22.13
C GLY B 251 -11.86 0.25 -21.25
N VAL B 252 -10.53 0.17 -21.34
CA VAL B 252 -9.63 1.01 -20.55
C VAL B 252 -9.34 2.28 -21.37
N MET B 253 -9.68 3.46 -20.86
CA MET B 253 -9.38 4.66 -21.64
C MET B 253 -7.91 5.10 -21.49
N LEU B 254 -7.17 5.09 -22.60
CA LEU B 254 -5.77 5.55 -22.58
C LEU B 254 -5.79 6.94 -23.24
N ARG B 255 -5.39 7.98 -22.51
CA ARG B 255 -5.44 9.30 -23.12
C ARG B 255 -4.61 9.48 -24.38
N ASP B 256 -3.59 8.64 -24.53
CA ASP B 256 -2.79 8.63 -25.72
C ASP B 256 -2.11 7.28 -25.71
N PRO B 257 -2.63 6.34 -26.50
CA PRO B 257 -2.04 5.02 -26.54
C PRO B 257 -0.59 4.99 -27.00
N ALA B 258 -0.14 6.01 -27.72
CA ALA B 258 1.26 6.13 -28.19
C ALA B 258 2.18 6.50 -27.03
N ARG B 259 1.61 7.01 -25.96
CA ARG B 259 2.38 7.39 -24.79
C ARG B 259 1.92 6.60 -23.56
N PHE B 260 1.93 5.27 -23.69
CA PHE B 260 1.53 4.36 -22.62
C PHE B 260 2.47 3.17 -22.65
N ASP B 261 2.92 2.72 -21.50
CA ASP B 261 3.84 1.59 -21.48
C ASP B 261 3.47 0.54 -20.44
N LEU B 262 3.23 -0.67 -20.91
CA LEU B 262 2.91 -1.82 -20.06
C LEU B 262 4.17 -2.68 -20.03
N ARG B 263 4.75 -2.78 -18.84
CA ARG B 263 5.94 -3.57 -18.62
C ARG B 263 5.63 -4.60 -17.57
N GLY B 264 4.64 -5.46 -17.89
CA GLY B 264 4.22 -6.49 -16.98
C GLY B 264 2.78 -6.94 -17.19
N THR B 265 2.05 -7.10 -16.12
CA THR B 265 0.68 -7.57 -16.26
C THR B 265 -0.30 -6.67 -15.57
N LEU B 266 -1.27 -6.22 -16.33
CA LEU B 266 -2.28 -5.33 -15.81
C LEU B 266 -3.66 -6.00 -15.67
N THR B 267 -4.21 -5.92 -14.48
CA THR B 267 -5.53 -6.46 -14.25
C THR B 267 -6.38 -5.19 -14.03
N HIS B 268 -7.53 -5.11 -14.66
CA HIS B 268 -8.32 -3.89 -14.50
C HIS B 268 -9.82 -4.05 -14.48
N GLY B 269 -10.44 -3.14 -13.73
CA GLY B 269 -11.87 -3.08 -13.61
C GLY B 269 -12.44 -2.35 -14.81
N ARG B 270 -13.58 -1.72 -14.59
CA ARG B 270 -14.29 -1.06 -15.64
C ARG B 270 -14.11 0.44 -15.52
N ASP B 271 -14.20 1.14 -16.64
CA ASP B 271 -14.06 2.57 -16.65
C ASP B 271 -12.76 3.15 -16.10
N VAL B 272 -11.68 2.38 -16.19
CA VAL B 272 -10.39 2.86 -15.74
C VAL B 272 -9.90 3.93 -16.72
N GLU B 273 -9.26 4.95 -16.19
CA GLU B 273 -8.78 6.01 -17.04
C GLU B 273 -7.30 6.30 -16.81
N ILE B 274 -6.53 6.14 -17.86
CA ILE B 274 -5.09 6.36 -17.77
C ILE B 274 -4.65 7.44 -18.73
N ASP B 275 -4.07 8.47 -18.15
CA ASP B 275 -3.59 9.60 -18.93
C ASP B 275 -2.23 9.28 -19.59
N THR B 276 -1.69 10.30 -20.26
CA THR B 276 -0.40 10.18 -20.96
C THR B 276 0.81 9.81 -20.11
N ASN B 277 1.75 9.18 -20.78
CA ASN B 277 3.05 8.82 -20.22
C ASN B 277 2.99 8.03 -18.93
N VAL B 278 2.03 7.13 -18.83
CA VAL B 278 1.99 6.32 -17.64
C VAL B 278 2.74 5.04 -17.94
N ILE B 279 3.47 4.55 -16.95
CA ILE B 279 4.19 3.30 -17.10
C ILE B 279 3.67 2.30 -16.08
N ILE B 280 3.37 1.09 -16.51
CA ILE B 280 2.86 0.10 -15.59
C ILE B 280 3.91 -0.98 -15.57
N GLU B 281 4.50 -1.24 -14.40
CA GLU B 281 5.56 -2.26 -14.29
C GLU B 281 5.20 -3.41 -13.34
N GLY B 282 5.54 -4.63 -13.73
CA GLY B 282 5.24 -5.75 -12.87
C GLY B 282 3.78 -6.10 -12.86
N ASN B 283 3.28 -6.66 -11.76
CA ASN B 283 1.89 -7.05 -11.67
C ASN B 283 1.12 -5.94 -11.04
N VAL B 284 0.24 -5.36 -11.82
CA VAL B 284 -0.53 -4.24 -11.32
C VAL B 284 -2.01 -4.50 -11.45
N THR B 285 -2.75 -4.12 -10.43
CA THR B 285 -4.20 -4.28 -10.52
C THR B 285 -4.85 -2.94 -10.32
N LEU B 286 -5.71 -2.57 -11.25
CA LEU B 286 -6.42 -1.32 -11.14
C LEU B 286 -7.93 -1.57 -10.99
N GLY B 287 -8.48 -1.15 -9.86
CA GLY B 287 -9.90 -1.31 -9.64
C GLY B 287 -10.78 -0.41 -10.49
N HIS B 288 -12.09 -0.59 -10.38
CA HIS B 288 -13.04 0.16 -11.16
C HIS B 288 -12.92 1.65 -11.01
N ARG B 289 -13.07 2.37 -12.11
CA ARG B 289 -13.06 3.82 -12.14
C ARG B 289 -11.80 4.46 -11.55
N VAL B 290 -10.72 3.71 -11.55
CA VAL B 290 -9.46 4.23 -11.06
C VAL B 290 -9.00 5.31 -12.06
N LYS B 291 -8.45 6.38 -11.55
CA LYS B 291 -7.94 7.42 -12.45
C LYS B 291 -6.44 7.58 -12.23
N ILE B 292 -5.67 7.32 -13.28
CA ILE B 292 -4.22 7.47 -13.21
C ILE B 292 -3.81 8.72 -13.96
N GLY B 293 -3.23 9.66 -13.19
CA GLY B 293 -2.78 10.94 -13.73
C GLY B 293 -1.59 10.82 -14.66
N THR B 294 -1.36 11.87 -15.44
CA THR B 294 -0.26 11.85 -16.39
C THR B 294 1.08 11.58 -15.71
N GLY B 295 1.88 10.76 -16.39
CA GLY B 295 3.21 10.44 -15.90
C GLY B 295 3.42 9.51 -14.73
N CYS B 296 2.37 8.90 -14.23
CA CYS B 296 2.51 8.00 -13.11
C CYS B 296 3.25 6.70 -13.43
N VAL B 297 3.96 6.20 -12.46
CA VAL B 297 4.61 4.94 -12.64
C VAL B 297 3.95 4.02 -11.58
N ILE B 298 3.24 3.03 -12.05
CA ILE B 298 2.60 2.12 -11.12
C ILE B 298 3.37 0.82 -11.22
N LYS B 299 3.90 0.40 -10.09
CA LYS B 299 4.68 -0.81 -10.05
C LYS B 299 4.28 -1.76 -8.89
N ASN B 300 4.05 -3.04 -9.25
CA ASN B 300 3.65 -4.12 -8.32
C ASN B 300 2.76 -3.54 -7.26
N SER B 301 1.60 -3.08 -7.69
CA SER B 301 0.66 -2.46 -6.80
C SER B 301 -0.77 -2.82 -7.16
N VAL B 302 -1.62 -2.69 -6.17
CA VAL B 302 -3.03 -2.94 -6.32
C VAL B 302 -3.68 -1.62 -5.92
N ILE B 303 -4.41 -1.05 -6.85
CA ILE B 303 -5.08 0.20 -6.58
C ILE B 303 -6.58 -0.09 -6.56
N GLY B 304 -7.21 0.21 -5.44
CA GLY B 304 -8.62 -0.05 -5.27
C GLY B 304 -9.57 0.83 -6.07
N ASP B 305 -10.81 0.36 -6.18
CA ASP B 305 -11.86 1.07 -6.90
C ASP B 305 -11.95 2.51 -6.50
N ASP B 306 -12.28 3.34 -7.48
CA ASP B 306 -12.45 4.77 -7.28
C ASP B 306 -11.23 5.54 -6.79
N CYS B 307 -10.05 4.93 -6.77
CA CYS B 307 -8.85 5.68 -6.39
C CYS B 307 -8.45 6.64 -7.53
N GLU B 308 -7.92 7.78 -7.15
CA GLU B 308 -7.44 8.75 -8.12
C GLU B 308 -5.98 9.03 -7.72
N ILE B 309 -5.07 8.82 -8.68
CA ILE B 309 -3.65 9.04 -8.43
C ILE B 309 -3.25 10.27 -9.20
N SER B 310 -2.87 11.32 -8.50
CA SER B 310 -2.53 12.54 -9.21
C SER B 310 -1.26 12.36 -10.08
N PRO B 311 -1.04 13.26 -11.03
CA PRO B 311 0.11 13.21 -11.95
C PRO B 311 1.50 13.01 -11.34
N TYR B 312 2.33 12.29 -12.08
CA TYR B 312 3.73 12.08 -11.69
C TYR B 312 3.94 11.35 -10.39
N THR B 313 2.98 10.54 -10.01
CA THR B 313 3.14 9.80 -8.78
C THR B 313 3.80 8.43 -9.07
N VAL B 314 4.65 7.95 -8.17
CA VAL B 314 5.17 6.61 -8.33
C VAL B 314 4.48 5.75 -7.27
N VAL B 315 3.68 4.77 -7.68
CA VAL B 315 3.02 3.87 -6.69
C VAL B 315 3.82 2.56 -6.79
N GLU B 316 4.44 2.17 -5.69
CA GLU B 316 5.28 0.99 -5.69
C GLU B 316 5.04 0.06 -4.53
N ASP B 317 4.98 -1.24 -4.82
CA ASP B 317 4.76 -2.28 -3.82
C ASP B 317 3.68 -1.90 -2.87
N ALA B 318 2.63 -1.29 -3.41
CA ALA B 318 1.58 -0.82 -2.56
C ALA B 318 0.21 -1.38 -2.86
N ASN B 319 -0.58 -1.48 -1.82
CA ASN B 319 -1.95 -1.90 -1.98
C ASN B 319 -2.71 -0.68 -1.46
N LEU B 320 -3.39 0.03 -2.33
CA LEU B 320 -4.12 1.21 -1.92
C LEU B 320 -5.61 0.96 -1.71
N ALA B 321 -6.05 1.26 -0.50
CA ALA B 321 -7.44 1.14 -0.07
C ALA B 321 -8.31 1.90 -1.07
N ALA B 322 -9.48 1.36 -1.39
CA ALA B 322 -10.41 2.00 -2.32
C ALA B 322 -10.75 3.47 -2.00
N ALA B 323 -11.16 4.20 -3.02
CA ALA B 323 -11.52 5.60 -2.85
C ALA B 323 -10.35 6.48 -2.38
N CYS B 324 -9.12 6.01 -2.59
CA CYS B 324 -7.97 6.81 -2.18
C CYS B 324 -7.69 8.00 -3.10
N THR B 325 -7.09 9.03 -2.53
CA THR B 325 -6.73 10.21 -3.29
C THR B 325 -5.27 10.48 -3.02
N ILE B 326 -4.44 10.06 -3.97
CA ILE B 326 -3.00 10.17 -3.86
C ILE B 326 -2.44 11.03 -4.98
S SO4 C . -6.77 13.32 52.35
O1 SO4 C . -5.21 13.19 51.98
O2 SO4 C . -7.53 14.53 51.67
O3 SO4 C . -7.51 11.99 51.93
O4 SO4 C . -6.66 13.59 53.90
S SO4 D . -8.12 31.64 31.30
O1 SO4 D . -8.64 31.76 29.83
O2 SO4 D . -9.24 32.10 32.28
O3 SO4 D . -7.64 30.17 31.66
O4 SO4 D . -6.94 32.71 31.37
C1' UD1 E . -14.99 25.26 38.37
C2' UD1 E . -14.87 25.04 39.89
C3' UD1 E . -13.54 25.49 40.47
C4' UD1 E . -12.42 24.72 39.79
C5' UD1 E . -12.49 25.07 38.23
C6' UD1 E . -11.43 24.33 37.41
C7' UD1 E . -17.29 25.29 40.37
C8' UD1 E . -18.35 26.14 40.99
N2' UD1 E . -16.04 25.74 40.49
O1' UD1 E . -15.18 26.68 38.23
O3' UD1 E . -13.58 25.21 41.87
O4' UD1 E . -11.16 25.14 40.34
O5' UD1 E . -13.81 24.69 37.71
O6' UD1 E . -11.34 24.86 36.10
O7' UD1 E . -17.62 24.26 39.78
N1 UD1 E . -19.71 24.28 32.49
C2 UD1 E . -20.95 23.82 32.04
N3 UD1 E . -22.06 24.55 32.34
C4 UD1 E . -22.06 25.69 33.05
C5 UD1 E . -20.77 26.23 33.55
C6 UD1 E . -19.63 25.55 33.28
O2 UD1 E . -21.12 22.80 31.39
O4 UD1 E . -23.09 26.27 33.25
C1B UD1 E . -18.51 23.50 32.17
C2B UD1 E . -17.48 24.16 31.22
O2' UD1 E . -17.88 23.98 29.88
C3B UD1 E . -16.15 23.47 31.63
C4B UD1 E . -16.41 23.17 33.13
O4B UD1 E . -17.82 23.21 33.35
O3B UD1 E . -16.03 22.23 30.93
C5B UD1 E . -15.82 24.24 34.09
O5B UD1 E . -16.39 25.55 33.93
PA UD1 E . -15.55 26.81 34.17
O1A UD1 E . -16.49 27.95 33.91
O2A UD1 E . -14.42 26.81 33.24
O3A UD1 E . -15.07 26.71 35.60
PB UD1 E . -15.58 27.40 36.90
O1B UD1 E . -17.07 27.45 36.91
O2B UD1 E . -14.97 28.76 37.05
C1 EDO F . -5.52 24.46 37.18
O1 EDO F . -5.08 23.65 35.96
C2 EDO F . -7.04 24.11 37.38
O2 EDO F . -7.19 22.68 37.04
S SO4 G . 2.41 -25.19 -48.97
O1 SO4 G . 3.05 -26.12 -50.03
O2 SO4 G . 2.20 -23.71 -49.63
O3 SO4 G . 0.96 -25.69 -48.48
O4 SO4 G . 3.28 -25.17 -47.70
S SO4 H . 20.54 -6.90 -39.59
O1 SO4 H . 21.58 -7.79 -40.42
O2 SO4 H . 19.51 -6.78 -40.78
O3 SO4 H . 20.29 -7.68 -38.28
O4 SO4 H . 21.29 -5.62 -39.10
C1' UD1 I . 19.02 -18.56 -40.45
C2' UD1 I . 18.46 -19.39 -41.63
C3' UD1 I . 17.92 -18.50 -42.78
C4' UD1 I . 16.81 -17.64 -42.25
C5' UD1 I . 17.42 -16.72 -41.13
C6' UD1 I . 16.37 -15.80 -40.47
C7' UD1 I . 20.01 -21.27 -41.27
C8' UD1 I . 21.14 -22.06 -41.85
N2' UD1 I . 19.55 -20.29 -42.05
O1' UD1 I . 20.26 -18.03 -40.91
O3' UD1 I . 17.45 -19.40 -43.80
O4' UD1 I . 16.27 -16.81 -43.31
O5' UD1 I . 18.03 -17.57 -40.06
O6' UD1 I . 17.01 -14.91 -39.56
O7' UD1 I . 19.58 -21.53 -40.15
N1 UD1 I . 22.03 -19.30 -33.66
C2 UD1 I . 22.52 -20.13 -32.66
N3 UD1 I . 23.66 -20.83 -32.92
C4 UD1 I . 24.37 -20.79 -34.08
C5 UD1 I . 23.88 -19.89 -35.20
C6 UD1 I . 22.75 -19.18 -34.99
O2 UD1 I . 22.00 -20.29 -31.56
O4 UD1 I . 25.41 -21.46 -34.22
C1B UD1 I . 20.77 -18.53 -33.41
C2B UD1 I . 20.95 -16.98 -33.33
O2' UD1 I . 21.34 -16.59 -31.98
C3B UD1 I . 19.55 -16.47 -33.82
C4B UD1 I . 19.14 -17.62 -34.81
O4B UD1 I . 19.88 -18.77 -34.46
O3B UD1 I . 18.64 -16.47 -32.73
C5B UD1 I . 19.52 -17.36 -36.29
O5B UD1 I . 20.87 -16.90 -36.46
PA UD1 I . 21.29 -15.95 -37.59
O1A UD1 I . 22.79 -15.99 -37.58
O2A UD1 I . 20.77 -14.64 -37.29
O3A UD1 I . 20.69 -16.53 -38.85
PB UD1 I . 21.28 -17.35 -40.01
O1B UD1 I . 22.08 -18.48 -39.51
O2B UD1 I . 22.07 -16.43 -40.90
C1 EDO J . 13.39 -13.07 -41.12
O1 EDO J . 12.10 -13.69 -40.62
C2 EDO J . 13.02 -11.66 -41.63
O2 EDO J . 12.32 -11.15 -40.48
#